data_9BFR
#
_entry.id   9BFR
#
_cell.length_a   1.00
_cell.length_b   1.00
_cell.length_c   1.00
_cell.angle_alpha   90.00
_cell.angle_beta   90.00
_cell.angle_gamma   90.00
#
_symmetry.space_group_name_H-M   'P 1'
#
loop_
_entity.id
_entity.type
_entity.pdbx_description
1 polymer 'Protein bride of sevenless'
2 non-polymer 2-acetamido-2-deoxy-beta-D-glucopyranose
#
_entity_poly.entity_id   1
_entity_poly.type   'polypeptide(L)'
_entity_poly.pdbx_seq_one_letter_code
;CHGADLTSPTKKSAPLRITKPQPTSQQAKPISITTRAPTTVASTTDDEVSSSVDGQLAPLISSTTEGPSSGTTASLVPEI
CLNGLQLTVNSADEGTVIRKQEEFVKILEGDVVLSVLTKDPDSALFVINRVNQANLIMADFEIGIRAISIDNASLAENLL
IQEVQFLQQCTTYSMGIFVDWELYKQLESVIKDLEYNIWPIPGTRAHLFPKVAHLLHQMPWGEKIASVEIATETLEMYNE
FMEAARQEHMCLMHFKSDDNVYIMFGNKLASHFKENGTLFSVPTDRTDDEFLADLPNRAFVLMENEIDLSTAVELDATPT
ALDEILIGKSVLPSRVLSFAGSIIDLMNWLRGSLSKHCKRGEEHDLYVLESCFNFLNFIEDWRTSEYRQAHDTAEILSLL
LMRKLGTAMNFQMYQKKVLTLDKITGESRTELREIASQNFVTNVTTYYHYNRDNHTSLELKTKFGQVFNCQYSAGDNRRY
PFLFDGESVMFWRIKMDTWHHHHHH
;
_entity_poly.pdbx_strand_id   A,B
#
loop_
_chem_comp.id
_chem_comp.type
_chem_comp.name
_chem_comp.formula
NAG D-saccharide, beta linking 2-acetamido-2-deoxy-beta-D-glucopyranose 'C8 H15 N O6'
#
# COMPACT_ATOMS: atom_id res chain seq x y z
N VAL A 77 40.62 -15.78 -14.97
CA VAL A 77 39.92 -15.07 -13.90
C VAL A 77 39.68 -13.62 -14.36
N PRO A 78 38.44 -13.14 -14.32
CA PRO A 78 38.13 -11.83 -14.92
C PRO A 78 38.55 -10.65 -14.03
N GLU A 79 38.19 -9.46 -14.50
CA GLU A 79 38.65 -8.21 -13.89
C GLU A 79 37.90 -7.91 -12.60
N ILE A 80 36.65 -8.35 -12.50
CA ILE A 80 35.77 -8.00 -11.37
C ILE A 80 36.16 -8.82 -10.14
N CYS A 81 36.80 -9.98 -10.33
CA CYS A 81 37.29 -10.75 -9.20
C CYS A 81 38.59 -10.16 -8.64
N LEU A 82 39.44 -9.60 -9.51
CA LEU A 82 40.68 -8.98 -9.03
C LEU A 82 40.42 -7.64 -8.36
N ASN A 83 39.55 -6.80 -8.93
CA ASN A 83 39.38 -5.45 -8.43
C ASN A 83 38.24 -5.33 -7.42
N GLY A 84 37.26 -6.22 -7.45
CA GLY A 84 36.15 -6.10 -6.53
C GLY A 84 35.05 -5.24 -7.11
N LEU A 85 34.29 -4.60 -6.23
CA LEU A 85 33.20 -3.71 -6.61
C LEU A 85 33.64 -2.26 -6.49
N GLN A 86 33.20 -1.43 -7.41
CA GLN A 86 33.63 -0.04 -7.49
C GLN A 86 32.43 0.88 -7.59
N LEU A 87 32.56 2.10 -7.06
CA LEU A 87 31.52 3.12 -7.14
C LEU A 87 32.09 4.42 -7.70
N THR A 88 31.29 5.11 -8.51
CA THR A 88 31.54 6.49 -8.90
C THR A 88 30.54 7.37 -8.16
N VAL A 89 31.00 8.04 -7.10
CA VAL A 89 30.10 8.82 -6.26
C VAL A 89 30.25 10.30 -6.59
N THR A 96 32.36 12.64 -7.64
CA THR A 96 33.10 12.04 -8.75
C THR A 96 34.38 11.39 -8.24
N VAL A 97 34.26 10.63 -7.15
CA VAL A 97 35.40 10.00 -6.49
C VAL A 97 35.34 8.50 -6.77
N ILE A 98 36.45 7.94 -7.24
CA ILE A 98 36.53 6.50 -7.40
C ILE A 98 36.71 5.85 -6.03
N ARG A 99 35.66 5.20 -5.55
CA ARG A 99 35.69 4.53 -4.25
C ARG A 99 36.10 3.07 -4.45
N LYS A 100 37.15 2.66 -3.75
CA LYS A 100 37.63 1.29 -3.81
C LYS A 100 36.73 0.38 -2.97
N GLN A 101 36.99 -0.94 -3.08
CA GLN A 101 36.09 -1.95 -2.55
C GLN A 101 36.14 -2.03 -1.02
N GLU A 102 37.29 -1.75 -0.42
CA GLU A 102 37.49 -2.02 1.00
C GLU A 102 36.87 -0.96 1.90
N GLU A 103 36.38 0.13 1.33
CA GLU A 103 35.70 1.16 2.12
C GLU A 103 34.29 0.74 2.53
N PHE A 104 33.55 0.06 1.64
CA PHE A 104 32.13 -0.12 1.89
C PHE A 104 31.74 -1.55 2.27
N VAL A 105 32.35 -2.58 1.71
CA VAL A 105 31.96 -3.95 2.02
C VAL A 105 32.85 -4.44 3.16
N LYS A 106 32.27 -5.20 4.08
CA LYS A 106 33.02 -5.83 5.16
C LYS A 106 33.05 -7.34 4.91
N ILE A 107 34.15 -7.81 4.36
CA ILE A 107 34.28 -9.18 3.91
C ILE A 107 34.69 -10.05 5.07
N LEU A 108 33.83 -10.99 5.44
CA LEU A 108 34.14 -12.00 6.45
C LEU A 108 34.34 -13.33 5.73
N GLU A 109 35.46 -13.98 6.02
CA GLU A 109 35.95 -15.08 5.19
C GLU A 109 35.20 -16.37 5.50
N GLY A 110 34.75 -17.05 4.45
CA GLY A 110 34.04 -18.31 4.61
C GLY A 110 34.00 -19.07 3.30
N ASP A 111 33.71 -20.37 3.42
CA ASP A 111 33.80 -21.26 2.25
C ASP A 111 32.58 -21.14 1.36
N VAL A 112 31.38 -21.05 1.93
CA VAL A 112 30.17 -20.86 1.15
C VAL A 112 29.63 -19.47 1.46
N VAL A 113 29.78 -18.58 0.49
CA VAL A 113 29.62 -17.15 0.72
C VAL A 113 28.15 -16.78 0.70
N LEU A 114 27.89 -15.54 1.09
CA LEU A 114 26.57 -14.92 1.10
C LEU A 114 26.82 -13.42 0.94
N SER A 115 25.82 -12.69 0.48
CA SER A 115 25.94 -11.25 0.35
C SER A 115 24.70 -10.61 0.93
N VAL A 116 24.88 -9.46 1.61
CA VAL A 116 23.76 -8.73 2.21
C VAL A 116 23.87 -7.27 1.77
N LEU A 117 22.85 -6.76 1.10
CA LEU A 117 22.82 -5.37 0.64
C LEU A 117 22.02 -4.57 1.65
N THR A 118 22.70 -3.97 2.62
CA THR A 118 22.04 -3.38 3.78
C THR A 118 22.50 -1.95 4.04
N LYS A 119 21.70 -1.25 4.84
CA LYS A 119 22.08 0.08 5.30
C LYS A 119 22.91 -0.01 6.58
N ASP A 120 22.67 -1.05 7.39
CA ASP A 120 23.42 -1.28 8.62
C ASP A 120 24.28 -2.52 8.46
N PRO A 121 25.58 -2.40 8.19
CA PRO A 121 26.39 -3.60 7.94
C PRO A 121 27.00 -4.21 9.17
N ASP A 122 27.01 -3.50 10.31
CA ASP A 122 27.63 -4.03 11.51
C ASP A 122 26.74 -5.08 12.16
N SER A 123 25.42 -4.97 11.98
CA SER A 123 24.49 -5.95 12.51
C SER A 123 24.41 -7.20 11.63
N ALA A 124 24.85 -7.08 10.37
CA ALA A 124 24.82 -8.23 9.48
C ALA A 124 25.96 -9.21 9.77
N LEU A 125 27.15 -8.69 10.11
CA LEU A 125 28.27 -9.60 10.38
C LEU A 125 28.24 -10.14 11.79
N PHE A 126 27.42 -9.56 12.67
CA PHE A 126 27.29 -10.11 14.01
C PHE A 126 26.47 -11.39 13.99
N VAL A 127 25.49 -11.48 13.09
CA VAL A 127 24.67 -12.68 12.96
C VAL A 127 25.47 -13.83 12.39
N ILE A 128 26.27 -13.55 11.35
CA ILE A 128 27.05 -14.58 10.67
C ILE A 128 28.29 -14.97 11.50
N ASN A 129 28.70 -14.12 12.45
CA ASN A 129 29.65 -14.56 13.46
C ASN A 129 28.99 -15.52 14.44
N ARG A 130 27.71 -15.28 14.75
CA ARG A 130 27.03 -16.08 15.75
C ARG A 130 26.49 -17.39 15.17
N VAL A 131 26.42 -17.50 13.84
CA VAL A 131 26.06 -18.77 13.21
C VAL A 131 27.22 -19.76 13.31
N ASN A 132 28.43 -19.31 12.95
CA ASN A 132 29.58 -20.21 12.79
C ASN A 132 30.13 -20.68 14.13
N GLN A 133 29.92 -19.91 15.19
CA GLN A 133 30.32 -20.37 16.51
C GLN A 133 29.31 -21.34 17.08
N ALA A 134 28.06 -21.26 16.62
CA ALA A 134 27.02 -22.13 17.15
C ALA A 134 26.95 -23.46 16.41
N ASN A 135 27.41 -23.48 15.14
CA ASN A 135 27.23 -24.56 14.15
C ASN A 135 25.76 -24.94 13.99
N LEU A 136 24.97 -24.02 13.40
CA LEU A 136 23.59 -24.30 13.05
C LEU A 136 23.49 -25.37 11.96
N ILE A 137 24.45 -25.41 11.03
CA ILE A 137 24.43 -26.37 9.94
C ILE A 137 25.21 -27.64 10.26
N MET A 138 25.82 -27.71 11.46
CA MET A 138 26.73 -28.73 12.02
C MET A 138 27.77 -29.25 11.01
N ALA A 139 28.42 -28.30 10.34
CA ALA A 139 29.29 -28.59 9.22
C ALA A 139 30.72 -28.12 9.53
N ASP A 140 31.65 -28.60 8.71
CA ASP A 140 33.07 -28.25 8.88
C ASP A 140 33.34 -26.84 8.37
N PHE A 141 32.63 -26.41 7.33
CA PHE A 141 32.90 -25.11 6.75
C PHE A 141 32.19 -24.01 7.54
N GLU A 142 32.43 -22.77 7.13
CA GLU A 142 31.85 -21.62 7.77
C GLU A 142 31.25 -20.72 6.71
N ILE A 143 30.11 -20.12 7.01
CA ILE A 143 29.43 -19.24 6.08
C ILE A 143 30.11 -17.87 6.12
N GLY A 144 30.50 -17.39 4.95
CA GLY A 144 31.03 -16.03 4.82
C GLY A 144 29.92 -15.07 4.52
N ILE A 145 30.20 -13.78 4.69
CA ILE A 145 29.28 -12.72 4.30
C ILE A 145 30.09 -11.62 3.63
N ARG A 146 29.60 -11.14 2.49
CA ARG A 146 30.13 -9.94 1.85
C ARG A 146 29.05 -8.89 1.95
N ALA A 147 29.00 -8.17 3.06
CA ALA A 147 27.88 -7.27 3.35
C ALA A 147 28.18 -5.88 2.84
N ILE A 148 27.37 -5.42 1.90
CA ILE A 148 27.56 -4.15 1.22
C ILE A 148 26.83 -3.06 1.99
N SER A 149 27.49 -1.93 2.19
CA SER A 149 26.90 -0.79 2.89
C SER A 149 26.09 0.03 1.89
N ILE A 150 24.90 0.46 2.32
CA ILE A 150 24.09 1.38 1.53
C ILE A 150 23.91 2.68 2.30
N ASP A 151 24.44 3.77 1.76
CA ASP A 151 24.17 5.08 2.34
C ASP A 151 23.27 5.91 1.44
N ASN A 152 23.38 5.71 0.13
CA ASN A 152 22.54 6.38 -0.85
C ASN A 152 21.58 5.36 -1.45
N ALA A 153 20.30 5.73 -1.53
CA ALA A 153 19.31 4.80 -2.07
C ALA A 153 19.36 4.75 -3.59
N SER A 154 19.93 5.76 -4.23
CA SER A 154 20.03 5.75 -5.69
C SER A 154 21.17 4.84 -6.17
N LEU A 155 22.15 4.58 -5.31
CA LEU A 155 23.24 3.67 -5.65
C LEU A 155 22.93 2.22 -5.30
N ALA A 156 21.73 1.92 -4.80
CA ALA A 156 21.36 0.54 -4.52
C ALA A 156 21.06 -0.23 -5.79
N GLU A 157 20.62 0.48 -6.84
CA GLU A 157 20.34 -0.17 -8.11
C GLU A 157 21.63 -0.52 -8.85
N ASN A 158 22.66 0.33 -8.69
CA ASN A 158 23.96 0.06 -9.32
C ASN A 158 24.70 -1.05 -8.59
N LEU A 159 24.58 -1.09 -7.26
CA LEU A 159 25.33 -2.07 -6.48
C LEU A 159 24.69 -3.45 -6.52
N LEU A 160 23.41 -3.52 -6.89
CA LEU A 160 22.77 -4.82 -7.02
C LEU A 160 23.17 -5.51 -8.31
N ILE A 161 23.55 -4.73 -9.33
CA ILE A 161 24.05 -5.27 -10.59
C ILE A 161 25.44 -5.88 -10.40
N GLN A 162 26.29 -5.21 -9.63
CA GLN A 162 27.70 -5.60 -9.53
C GLN A 162 27.89 -6.82 -8.64
N GLU A 163 26.96 -7.07 -7.71
CA GLU A 163 27.09 -8.25 -6.85
C GLU A 163 26.55 -9.50 -7.52
N VAL A 164 25.52 -9.35 -8.36
CA VAL A 164 25.06 -10.44 -9.24
C VAL A 164 26.12 -10.74 -10.30
N GLN A 165 26.84 -9.70 -10.75
CA GLN A 165 27.99 -9.91 -11.63
C GLN A 165 29.22 -10.41 -10.86
N PHE A 166 29.22 -10.32 -9.52
CA PHE A 166 30.31 -10.92 -8.76
C PHE A 166 30.03 -12.38 -8.45
N LEU A 167 28.84 -12.69 -7.91
CA LEU A 167 28.60 -13.96 -7.23
C LEU A 167 28.40 -15.11 -8.21
N GLN A 168 28.06 -14.80 -9.47
CA GLN A 168 28.01 -15.85 -10.48
C GLN A 168 29.40 -16.25 -10.94
N GLN A 169 30.32 -15.29 -10.98
CA GLN A 169 31.60 -15.53 -11.64
C GLN A 169 32.69 -15.92 -10.66
N CYS A 170 32.92 -15.10 -9.64
CA CYS A 170 34.12 -15.22 -8.82
C CYS A 170 33.99 -16.25 -7.70
N THR A 171 32.78 -16.69 -7.36
CA THR A 171 32.53 -17.51 -6.19
C THR A 171 32.07 -18.90 -6.60
N THR A 172 32.69 -19.92 -6.02
CA THR A 172 32.36 -21.30 -6.36
C THR A 172 31.03 -21.74 -5.76
N TYR A 173 30.80 -21.41 -4.49
CA TYR A 173 29.60 -21.80 -3.77
C TYR A 173 28.93 -20.55 -3.21
N SER A 174 28.04 -19.94 -3.98
CA SER A 174 27.31 -18.79 -3.49
C SER A 174 25.93 -19.19 -3.02
N MET A 175 25.31 -18.33 -2.23
CA MET A 175 23.94 -18.58 -1.78
C MET A 175 22.97 -17.52 -2.31
N GLY A 176 23.21 -16.25 -2.06
CA GLY A 176 22.30 -15.25 -2.61
C GLY A 176 22.49 -13.91 -1.95
N ILE A 177 21.74 -12.93 -2.45
CA ILE A 177 21.83 -11.55 -1.99
C ILE A 177 20.62 -11.26 -1.14
N PHE A 178 20.85 -10.87 0.11
CA PHE A 178 19.79 -10.40 0.99
C PHE A 178 19.67 -8.89 0.88
N VAL A 179 18.47 -8.41 0.65
CA VAL A 179 18.18 -7.00 0.45
C VAL A 179 17.23 -6.58 1.56
N ASP A 180 17.48 -5.42 2.18
CA ASP A 180 16.60 -4.85 3.19
C ASP A 180 15.23 -4.49 2.59
N TRP A 181 14.22 -4.47 3.48
CA TRP A 181 12.83 -4.36 3.04
C TRP A 181 12.48 -2.96 2.57
N GLU A 182 13.24 -1.96 3.01
CA GLU A 182 13.15 -0.62 2.44
C GLU A 182 13.72 -0.61 1.02
N LEU A 183 14.77 -1.40 0.78
CA LEU A 183 15.37 -1.45 -0.55
C LEU A 183 14.77 -2.55 -1.41
N TYR A 184 14.01 -3.47 -0.80
CA TYR A 184 13.34 -4.50 -1.58
C TYR A 184 12.12 -3.92 -2.29
N LYS A 185 11.37 -3.06 -1.61
CA LYS A 185 10.17 -2.48 -2.18
C LYS A 185 10.50 -1.37 -3.17
N GLN A 186 11.69 -0.77 -3.04
CA GLN A 186 12.14 0.24 -3.99
C GLN A 186 12.56 -0.39 -5.31
N LEU A 187 13.23 -1.54 -5.26
CA LEU A 187 13.89 -2.14 -6.41
C LEU A 187 13.17 -3.36 -6.95
N GLU A 188 11.83 -3.32 -7.02
CA GLU A 188 11.05 -4.50 -7.41
C GLU A 188 11.15 -4.81 -8.91
N SER A 189 11.45 -3.78 -9.72
CA SER A 189 11.60 -4.01 -11.15
C SER A 189 12.98 -4.57 -11.49
N VAL A 190 13.95 -4.37 -10.60
CA VAL A 190 15.35 -4.71 -10.89
C VAL A 190 15.63 -6.17 -10.54
N ILE A 191 15.03 -6.65 -9.44
CA ILE A 191 15.28 -7.98 -8.89
C ILE A 191 14.70 -9.08 -9.77
N LYS A 192 13.50 -8.86 -10.33
CA LYS A 192 12.87 -9.86 -11.18
C LYS A 192 13.50 -9.95 -12.56
N ASP A 193 14.23 -8.90 -12.97
CA ASP A 193 14.92 -8.94 -14.26
C ASP A 193 16.35 -9.44 -14.12
N LEU A 194 16.88 -9.46 -12.89
CA LEU A 194 18.26 -9.89 -12.68
C LEU A 194 18.38 -11.42 -12.70
N GLU A 195 17.28 -12.11 -12.31
CA GLU A 195 17.08 -13.57 -12.35
C GLU A 195 18.09 -14.36 -11.52
N TYR A 196 18.44 -13.83 -10.35
CA TYR A 196 19.27 -14.53 -9.38
C TYR A 196 18.46 -14.69 -8.10
N ASN A 197 19.00 -15.49 -7.17
CA ASN A 197 18.39 -15.71 -5.87
C ASN A 197 18.58 -14.48 -5.01
N ILE A 198 17.62 -13.57 -5.08
CA ILE A 198 17.62 -12.36 -4.27
C ILE A 198 16.42 -12.42 -3.33
N TRP A 199 16.68 -12.41 -2.03
CA TRP A 199 15.67 -12.59 -1.02
C TRP A 199 15.52 -11.35 -0.17
N PRO A 200 14.33 -11.03 0.33
CA PRO A 200 14.20 -9.88 1.24
C PRO A 200 14.56 -10.21 2.67
N ILE A 201 15.25 -9.26 3.31
CA ILE A 201 15.32 -9.19 4.76
C ILE A 201 13.95 -8.68 5.19
N PRO A 202 13.34 -9.22 6.25
CA PRO A 202 12.09 -8.65 6.76
C PRO A 202 12.28 -7.26 7.36
N GLY A 203 11.17 -6.52 7.45
CA GLY A 203 11.24 -5.14 7.88
C GLY A 203 11.47 -5.01 9.36
N THR A 204 12.28 -4.02 9.72
CA THR A 204 12.60 -3.72 11.11
C THR A 204 11.51 -2.91 11.78
N ARG A 205 10.56 -2.37 11.03
CA ARG A 205 9.43 -1.64 11.58
C ARG A 205 8.35 -2.55 12.15
N ALA A 206 8.44 -3.86 11.95
CA ALA A 206 7.62 -4.79 12.71
C ALA A 206 8.15 -5.02 14.12
N HIS A 207 9.41 -4.67 14.37
CA HIS A 207 10.00 -4.75 15.70
C HIS A 207 10.01 -3.42 16.43
N LEU A 208 9.89 -2.30 15.71
CA LEU A 208 9.97 -0.97 16.31
C LEU A 208 8.63 -0.31 16.51
N PHE A 209 7.74 -0.37 15.51
CA PHE A 209 6.46 0.34 15.60
C PHE A 209 5.44 -0.29 16.56
N PRO A 210 5.39 -1.62 16.83
CA PRO A 210 4.74 -2.03 18.08
C PRO A 210 5.41 -1.54 19.36
N LYS A 211 6.73 -1.35 19.36
CA LYS A 211 7.39 -0.90 20.58
C LYS A 211 7.41 0.61 20.68
N VAL A 212 7.11 1.32 19.58
CA VAL A 212 6.79 2.74 19.68
C VAL A 212 5.44 2.92 20.36
N ALA A 213 4.45 2.14 19.91
CA ALA A 213 3.07 2.37 20.35
C ALA A 213 2.80 1.77 21.72
N HIS A 214 3.66 0.86 22.18
CA HIS A 214 3.52 0.36 23.55
C HIS A 214 4.22 1.28 24.54
N LEU A 215 5.26 1.99 24.10
CA LEU A 215 5.86 3.00 24.96
C LEU A 215 4.98 4.24 25.05
N LEU A 216 4.17 4.49 24.02
CA LEU A 216 3.21 5.57 24.09
C LEU A 216 2.07 5.25 25.04
N HIS A 217 1.62 3.99 25.08
CA HIS A 217 0.33 3.62 25.65
C HIS A 217 0.32 3.69 27.18
N GLN A 218 1.48 3.48 27.80
CA GLN A 218 1.56 3.60 29.26
C GLN A 218 2.44 4.77 29.70
N MET A 219 2.66 5.75 28.83
CA MET A 219 3.34 6.98 29.21
C MET A 219 2.43 7.84 30.09
N PRO A 220 2.92 8.34 31.24
CA PRO A 220 2.10 9.21 32.09
C PRO A 220 1.83 10.57 31.46
N TRP A 221 0.69 11.16 31.80
CA TRP A 221 0.13 12.29 31.09
C TRP A 221 -0.85 13.00 32.01
N GLY A 222 -1.24 14.21 31.63
CA GLY A 222 -2.28 14.94 32.31
C GLY A 222 -3.66 14.55 31.82
N GLU A 223 -4.68 15.26 32.31
CA GLU A 223 -6.06 14.98 31.96
C GLU A 223 -6.58 15.86 30.83
N LYS A 224 -5.72 16.23 29.89
CA LYS A 224 -6.12 17.02 28.74
C LYS A 224 -5.92 16.20 27.47
N ILE A 225 -6.96 16.13 26.64
CA ILE A 225 -6.84 15.44 25.37
C ILE A 225 -6.26 16.42 24.35
N ALA A 226 -5.18 16.00 23.70
CA ALA A 226 -4.43 16.87 22.82
C ALA A 226 -4.63 16.47 21.36
N SER A 227 -4.26 17.38 20.47
CA SER A 227 -4.42 17.18 19.04
C SER A 227 -3.14 16.62 18.44
N VAL A 228 -3.25 15.48 17.75
CA VAL A 228 -2.08 14.76 17.27
C VAL A 228 -1.95 14.97 15.78
N GLU A 229 -0.82 15.54 15.37
CA GLU A 229 -0.43 15.68 13.97
C GLU A 229 0.87 14.91 13.77
N ILE A 230 0.89 14.01 12.80
CA ILE A 230 1.99 13.05 12.64
C ILE A 230 2.74 13.37 11.35
N ALA A 231 4.02 13.67 11.47
CA ALA A 231 4.89 13.92 10.33
C ALA A 231 5.73 12.69 10.06
N THR A 232 5.78 12.24 8.81
CA THR A 232 6.46 11.00 8.45
C THR A 232 7.36 11.23 7.26
N GLU A 233 8.32 10.34 7.08
CA GLU A 233 9.17 10.41 5.88
C GLU A 233 8.46 9.85 4.65
N THR A 234 7.70 8.76 4.81
CA THR A 234 6.89 8.18 3.73
C THR A 234 5.52 7.82 4.29
N LEU A 235 4.57 7.53 3.41
CA LEU A 235 3.25 7.11 3.87
C LEU A 235 3.19 5.65 4.29
N GLU A 236 4.22 4.85 3.99
CA GLU A 236 4.26 3.49 4.50
C GLU A 236 4.60 3.46 5.98
N MET A 237 5.31 4.49 6.46
CA MET A 237 5.56 4.60 7.90
C MET A 237 4.33 5.10 8.65
N TYR A 238 3.40 5.76 7.95
CA TYR A 238 2.15 6.18 8.61
C TYR A 238 1.16 5.02 8.68
N ASN A 239 1.14 4.16 7.66
CA ASN A 239 0.19 3.06 7.62
C ASN A 239 0.60 1.95 8.59
N GLU A 240 1.89 1.79 8.82
CA GLU A 240 2.35 0.76 9.74
C GLU A 240 2.32 1.26 11.19
N PHE A 241 2.30 2.58 11.38
CA PHE A 241 2.21 3.09 12.76
C PHE A 241 0.77 3.03 13.26
N MET A 242 -0.20 3.47 12.46
CA MET A 242 -1.56 3.53 12.98
C MET A 242 -2.26 2.19 12.89
N GLU A 243 -1.68 1.23 12.17
CA GLU A 243 -2.03 -0.17 12.40
C GLU A 243 -1.57 -0.63 13.77
N ALA A 244 -0.37 -0.19 14.18
CA ALA A 244 0.15 -0.57 15.48
C ALA A 244 -0.49 0.26 16.60
N ALA A 245 -1.01 1.44 16.26
CA ALA A 245 -1.74 2.23 17.24
C ALA A 245 -3.14 1.67 17.45
N ARG A 246 -3.70 1.02 16.42
CA ARG A 246 -5.04 0.44 16.54
C ARG A 246 -5.01 -0.82 17.38
N GLN A 247 -3.89 -1.54 17.38
CA GLN A 247 -3.77 -2.77 18.15
C GLN A 247 -3.56 -2.48 19.63
N GLU A 248 -3.11 -1.28 19.97
CA GLU A 248 -3.00 -0.84 21.35
C GLU A 248 -4.19 -0.01 21.79
N HIS A 249 -5.28 -0.01 21.01
CA HIS A 249 -6.56 0.67 21.19
C HIS A 249 -6.42 2.17 21.32
N MET A 250 -5.50 2.80 20.60
CA MET A 250 -5.38 4.24 20.56
C MET A 250 -5.80 4.76 19.20
N CYS A 251 -6.81 5.62 19.19
CA CYS A 251 -7.15 6.41 18.02
C CYS A 251 -6.80 7.87 18.28
N LEU A 252 -5.83 8.37 17.51
CA LEU A 252 -5.25 9.69 17.69
C LEU A 252 -5.97 10.65 16.76
N MET A 253 -6.70 11.59 17.33
CA MET A 253 -7.53 12.52 16.57
C MET A 253 -6.90 13.90 16.61
N HIS A 254 -7.13 14.66 15.55
CA HIS A 254 -6.71 16.05 15.50
C HIS A 254 -7.91 16.95 15.73
N PHE A 255 -7.75 17.93 16.62
CA PHE A 255 -8.79 18.91 16.89
C PHE A 255 -8.29 20.30 16.51
N LYS A 256 -9.14 21.29 16.78
CA LYS A 256 -8.71 22.69 16.83
C LYS A 256 -8.52 23.04 18.31
N SER A 257 -7.53 22.40 18.92
CA SER A 257 -7.26 22.53 20.35
C SER A 257 -5.96 23.29 20.55
N ASP A 258 -5.82 23.91 21.73
CA ASP A 258 -4.63 24.69 22.01
C ASP A 258 -3.44 23.80 22.35
N ASP A 259 -3.71 22.62 22.91
CA ASP A 259 -2.67 21.62 23.14
C ASP A 259 -2.42 20.87 21.85
N ASN A 260 -1.15 20.62 21.53
CA ASN A 260 -0.78 19.89 20.32
C ASN A 260 0.20 18.80 20.68
N VAL A 261 0.24 17.76 19.86
CA VAL A 261 1.19 16.65 19.97
C VAL A 261 1.73 16.38 18.57
N TYR A 262 3.06 16.39 18.42
CA TYR A 262 3.68 16.15 17.12
C TYR A 262 4.55 14.91 17.19
N ILE A 263 4.05 13.80 16.66
CA ILE A 263 4.80 12.55 16.62
C ILE A 263 5.51 12.49 15.27
N MET A 264 6.82 12.73 15.27
CA MET A 264 7.60 12.82 14.05
C MET A 264 8.41 11.56 13.84
N PHE A 265 8.42 11.07 12.60
CA PHE A 265 9.08 9.83 12.22
C PHE A 265 10.20 10.14 11.24
N GLY A 266 11.45 10.10 11.71
CA GLY A 266 12.57 10.36 10.83
C GLY A 266 13.67 11.15 11.50
N ASN A 267 14.89 11.05 10.95
CA ASN A 267 16.04 11.76 11.51
C ASN A 267 16.02 13.24 11.12
N LYS A 268 15.63 13.54 9.89
CA LYS A 268 15.80 14.89 9.37
C LYS A 268 14.60 15.79 9.68
N LEU A 269 13.54 15.21 10.24
CA LEU A 269 12.27 15.93 10.35
C LEU A 269 12.25 16.86 11.55
N ALA A 270 12.68 16.37 12.71
CA ALA A 270 12.70 17.16 13.93
C ALA A 270 14.06 17.87 14.06
N SER A 271 14.21 18.93 13.27
CA SER A 271 15.43 19.72 13.27
C SER A 271 15.05 21.18 13.47
N HIS A 272 15.18 21.65 14.73
CA HIS A 272 14.83 22.99 15.22
C HIS A 272 13.38 23.37 14.93
N PHE A 273 12.46 22.55 15.42
CA PHE A 273 11.04 22.80 15.17
C PHE A 273 10.51 23.85 16.14
N LYS A 274 9.53 24.62 15.69
CA LYS A 274 9.17 25.87 16.37
C LYS A 274 7.78 25.87 17.00
N GLU A 275 6.96 24.85 16.77
CA GLU A 275 5.63 24.84 17.37
C GLU A 275 5.71 24.41 18.83
N ASN A 276 4.65 24.72 19.58
CA ASN A 276 4.72 24.72 21.04
C ASN A 276 4.23 23.42 21.67
N GLY A 277 3.84 22.43 20.88
CA GLY A 277 3.35 21.18 21.41
C GLY A 277 4.48 20.25 21.80
N THR A 278 4.11 19.16 22.47
CA THR A 278 5.08 18.15 22.86
C THR A 278 5.45 17.30 21.65
N LEU A 279 6.74 17.00 21.51
CA LEU A 279 7.27 16.43 20.27
C LEU A 279 7.81 15.03 20.59
N PHE A 280 7.38 14.05 19.80
CA PHE A 280 7.84 12.67 19.92
C PHE A 280 8.63 12.30 18.66
N SER A 281 9.94 12.54 18.72
CA SER A 281 10.79 12.23 17.58
C SER A 281 11.11 10.75 17.54
N VAL A 282 10.79 10.10 16.42
CA VAL A 282 11.12 8.69 16.24
C VAL A 282 12.17 8.59 15.13
N PRO A 283 13.45 8.39 15.45
CA PRO A 283 14.45 8.20 14.41
C PRO A 283 14.33 6.83 13.76
N THR A 284 14.48 6.81 12.43
CA THR A 284 14.35 5.61 11.63
C THR A 284 15.68 5.00 11.24
N ASP A 285 16.80 5.64 11.56
CA ASP A 285 18.11 5.07 11.31
C ASP A 285 19.00 5.33 12.51
N ARG A 286 20.30 5.12 12.30
CA ARG A 286 21.28 5.40 13.34
C ARG A 286 21.47 6.89 13.51
N THR A 287 21.61 7.32 14.76
CA THR A 287 21.74 8.73 15.04
C THR A 287 23.21 9.15 15.10
N ASP A 288 23.43 10.45 14.89
CA ASP A 288 24.76 11.02 14.95
C ASP A 288 24.69 12.28 15.78
N ASP A 289 25.81 13.01 15.86
CA ASP A 289 25.93 14.13 16.79
C ASP A 289 25.21 15.39 16.27
N GLU A 290 24.85 15.41 14.99
CA GLU A 290 23.99 16.46 14.47
C GLU A 290 22.56 16.30 14.98
N PHE A 291 22.12 15.05 15.18
CA PHE A 291 20.72 14.80 15.49
C PHE A 291 20.39 15.12 16.95
N LEU A 292 21.33 14.84 17.88
CA LEU A 292 21.05 15.12 19.30
C LEU A 292 21.23 16.60 19.64
N ALA A 293 21.83 17.38 18.74
CA ALA A 293 21.96 18.81 19.00
C ALA A 293 20.81 19.61 18.38
N ASP A 294 20.25 19.11 17.28
CA ASP A 294 19.26 19.87 16.50
C ASP A 294 17.83 19.65 16.95
N LEU A 295 17.59 18.83 17.97
CA LEU A 295 16.23 18.67 18.49
C LEU A 295 15.83 19.89 19.31
N PRO A 296 14.53 20.18 19.45
CA PRO A 296 14.11 21.20 20.40
C PRO A 296 14.25 20.73 21.84
N ASN A 297 14.21 21.69 22.74
CA ASN A 297 14.25 21.42 24.18
C ASN A 297 12.94 20.79 24.63
N ARG A 298 13.07 19.82 25.55
CA ARG A 298 12.00 18.95 26.09
C ARG A 298 11.26 18.19 24.99
N ALA A 299 12.02 17.64 24.05
CA ALA A 299 11.50 16.78 23.01
C ALA A 299 11.76 15.32 23.39
N PHE A 300 10.90 14.42 22.95
CA PHE A 300 11.02 13.01 23.30
C PHE A 300 11.60 12.24 22.12
N VAL A 301 12.57 11.36 22.41
CA VAL A 301 13.29 10.61 21.39
C VAL A 301 12.93 9.14 21.55
N LEU A 302 12.40 8.52 20.50
CA LEU A 302 12.01 7.11 20.59
C LEU A 302 12.98 6.28 19.74
N MET A 303 14.02 5.76 20.39
CA MET A 303 15.12 5.10 19.72
C MET A 303 15.44 3.76 20.38
N GLU A 304 16.26 2.96 19.71
CA GLU A 304 16.76 1.74 20.32
C GLU A 304 18.25 1.89 20.66
N ASN A 305 18.69 1.14 21.66
CA ASN A 305 20.07 1.17 22.11
C ASN A 305 20.95 0.40 21.13
N GLU A 306 22.04 1.03 20.69
CA GLU A 306 23.07 0.29 19.98
C GLU A 306 23.90 -0.51 20.96
N ILE A 307 24.03 -1.82 20.71
CA ILE A 307 24.73 -2.69 21.64
C ILE A 307 26.21 -2.73 21.27
N ASP A 308 27.06 -2.25 22.17
CA ASP A 308 28.49 -2.12 21.91
C ASP A 308 29.16 -3.47 22.11
N LEU A 309 29.84 -3.94 21.06
CA LEU A 309 30.53 -5.23 21.09
C LEU A 309 31.99 -5.00 21.47
N SER A 310 32.43 -5.61 22.57
CA SER A 310 33.83 -5.52 22.93
C SER A 310 34.52 -6.88 22.98
N THR A 311 33.98 -7.81 23.79
CA THR A 311 34.58 -9.13 23.96
C THR A 311 33.51 -10.20 23.74
N ALA A 312 33.98 -11.45 23.65
CA ALA A 312 33.09 -12.56 23.35
C ALA A 312 32.47 -13.17 24.60
N VAL A 313 32.99 -12.83 25.79
CA VAL A 313 32.45 -13.41 27.01
C VAL A 313 31.22 -12.64 27.47
N GLU A 314 31.00 -11.44 26.91
CA GLU A 314 29.79 -10.68 27.19
C GLU A 314 28.62 -11.16 26.36
N LEU A 315 28.88 -11.95 25.30
CA LEU A 315 27.81 -12.39 24.43
C LEU A 315 27.13 -13.65 24.96
N ASP A 316 27.92 -14.60 25.46
CA ASP A 316 27.38 -15.86 25.99
C ASP A 316 28.36 -16.44 27.00
N ALA A 317 27.83 -17.24 27.92
CA ALA A 317 28.67 -17.97 28.86
C ALA A 317 29.32 -19.18 28.21
N THR A 318 28.75 -19.66 27.10
CA THR A 318 29.40 -20.66 26.27
C THR A 318 30.60 -20.01 25.59
N PRO A 319 31.80 -20.61 25.66
CA PRO A 319 33.01 -19.93 25.17
C PRO A 319 33.11 -19.90 23.64
N THR A 320 32.88 -18.72 23.09
CA THR A 320 32.97 -18.49 21.64
C THR A 320 34.04 -17.44 21.40
N ALA A 321 34.14 -16.99 20.15
CA ALA A 321 35.12 -16.00 19.75
C ALA A 321 34.46 -14.92 18.90
N LEU A 322 34.74 -13.67 19.22
CA LEU A 322 34.27 -12.55 18.41
C LEU A 322 35.36 -12.16 17.41
N ASP A 323 34.95 -11.84 16.19
CA ASP A 323 35.88 -11.56 15.11
C ASP A 323 36.53 -10.19 15.28
N GLU A 324 37.68 -10.01 14.63
CA GLU A 324 38.47 -8.80 14.83
C GLU A 324 37.94 -7.63 14.01
N ILE A 325 37.04 -7.91 13.05
CA ILE A 325 36.38 -6.84 12.33
C ILE A 325 35.21 -6.29 13.15
N LEU A 326 34.73 -7.06 14.13
CA LEU A 326 33.55 -6.69 14.92
C LEU A 326 33.88 -6.13 16.29
N ILE A 327 35.14 -6.16 16.73
CA ILE A 327 35.48 -5.62 18.04
C ILE A 327 35.56 -4.10 17.97
N GLY A 328 34.73 -3.43 18.76
CA GLY A 328 34.66 -1.99 18.72
C GLY A 328 33.54 -1.45 17.87
N LYS A 329 32.61 -2.30 17.44
CA LYS A 329 31.50 -1.88 16.62
C LYS A 329 30.20 -2.09 17.39
N SER A 330 29.13 -1.47 16.91
CA SER A 330 27.84 -1.52 17.60
C SER A 330 26.77 -2.01 16.63
N VAL A 331 25.81 -2.78 17.17
CA VAL A 331 24.79 -3.45 16.36
C VAL A 331 23.43 -2.89 16.75
N LEU A 332 22.46 -3.04 15.88
CA LEU A 332 21.11 -2.62 16.21
C LEU A 332 20.23 -3.85 16.45
N PRO A 333 19.39 -3.84 17.50
CA PRO A 333 18.58 -5.02 17.80
C PRO A 333 17.41 -5.23 16.87
N SER A 334 16.97 -4.20 16.16
CA SER A 334 15.96 -4.40 15.13
C SER A 334 16.58 -4.99 13.88
N ARG A 335 17.81 -4.58 13.56
CA ARG A 335 18.46 -5.07 12.35
C ARG A 335 19.12 -6.42 12.57
N VAL A 336 19.33 -6.81 13.83
CA VAL A 336 19.81 -8.16 14.10
C VAL A 336 18.64 -9.15 14.02
N LEU A 337 17.54 -8.84 14.72
CA LEU A 337 16.49 -9.83 14.93
C LEU A 337 15.58 -9.99 13.71
N SER A 338 15.54 -8.99 12.84
CA SER A 338 14.86 -9.18 11.56
C SER A 338 15.72 -10.01 10.63
N PHE A 339 17.04 -9.83 10.69
CA PHE A 339 17.94 -10.60 9.84
C PHE A 339 18.13 -12.01 10.38
N ALA A 340 18.11 -12.19 11.70
CA ALA A 340 18.35 -13.53 12.26
C ALA A 340 17.08 -14.37 12.26
N GLY A 341 15.94 -13.79 11.93
CA GLY A 341 14.75 -14.59 11.70
C GLY A 341 14.80 -15.32 10.37
N SER A 342 15.57 -14.78 9.42
CA SER A 342 15.62 -15.38 8.08
C SER A 342 16.81 -16.32 7.92
N ILE A 343 17.87 -16.11 8.70
CA ILE A 343 19.05 -16.97 8.62
C ILE A 343 18.78 -18.33 9.27
N ILE A 344 18.02 -18.34 10.37
CA ILE A 344 17.66 -19.61 11.02
C ILE A 344 16.60 -20.36 10.19
N ASP A 345 15.84 -19.64 9.36
CA ASP A 345 15.03 -20.31 8.34
C ASP A 345 15.88 -20.81 7.18
N LEU A 346 17.07 -20.25 7.00
CA LEU A 346 17.92 -20.66 5.87
C LEU A 346 18.96 -21.70 6.29
N MET A 347 19.50 -21.59 7.51
CA MET A 347 20.53 -22.55 7.92
C MET A 347 19.92 -23.85 8.43
N ASN A 348 18.62 -23.85 8.75
CA ASN A 348 17.95 -25.12 9.05
C ASN A 348 17.50 -25.80 7.76
N TRP A 349 17.34 -25.02 6.69
CA TRP A 349 17.20 -25.61 5.37
C TRP A 349 18.50 -26.24 4.91
N LEU A 350 19.63 -25.62 5.26
CA LEU A 350 20.93 -26.04 4.76
C LEU A 350 21.42 -27.31 5.45
N ARG A 351 20.91 -27.59 6.64
CA ARG A 351 21.27 -28.83 7.31
C ARG A 351 20.55 -30.02 6.68
N GLY A 352 19.35 -29.78 6.16
CA GLY A 352 18.65 -30.84 5.44
C GLY A 352 19.19 -31.00 4.02
N SER A 353 19.69 -29.91 3.44
CA SER A 353 20.21 -29.97 2.07
C SER A 353 21.63 -30.52 2.05
N LEU A 354 22.30 -30.54 3.21
CA LEU A 354 23.58 -31.24 3.30
C LEU A 354 23.39 -32.65 3.85
N SER A 355 22.17 -33.00 4.25
CA SER A 355 21.93 -34.35 4.76
C SER A 355 21.73 -35.34 3.63
N LYS A 356 20.94 -34.94 2.63
CA LYS A 356 20.61 -35.86 1.54
C LYS A 356 21.67 -35.83 0.44
N HIS A 357 22.46 -34.75 0.38
CA HIS A 357 23.43 -34.56 -0.70
C HIS A 357 24.87 -34.83 -0.25
N CYS A 358 25.13 -34.88 1.04
CA CYS A 358 26.51 -34.94 1.51
C CYS A 358 26.61 -35.93 2.67
N LYS A 359 27.81 -36.44 2.86
CA LYS A 359 28.08 -37.46 3.86
C LYS A 359 28.84 -36.82 5.02
N ARG A 360 28.65 -37.38 6.21
CA ARG A 360 29.28 -36.85 7.42
C ARG A 360 30.70 -37.41 7.58
N ASP A 365 30.74 -36.48 12.87
CA ASP A 365 29.45 -36.28 12.20
C ASP A 365 29.37 -34.88 11.60
N LEU A 366 30.53 -34.37 11.17
CA LEU A 366 30.67 -33.02 10.65
C LEU A 366 30.64 -33.09 9.13
N TYR A 367 29.85 -32.23 8.50
CA TYR A 367 29.74 -32.24 7.05
C TYR A 367 30.96 -31.59 6.41
N VAL A 368 31.90 -32.42 5.99
CA VAL A 368 33.15 -31.97 5.39
C VAL A 368 32.86 -31.66 3.93
N LEU A 369 33.30 -30.47 3.47
CA LEU A 369 33.02 -29.97 2.13
C LEU A 369 33.75 -30.74 1.04
N GLU A 370 34.82 -31.47 1.37
CA GLU A 370 35.47 -32.34 0.40
C GLU A 370 34.64 -33.60 0.11
N SER A 371 33.77 -33.99 1.04
CA SER A 371 32.83 -35.08 0.82
C SER A 371 31.43 -34.59 0.45
N CYS A 372 31.26 -33.29 0.22
CA CYS A 372 29.99 -32.73 -0.21
C CYS A 372 30.02 -32.49 -1.72
N PHE A 373 28.98 -32.94 -2.41
CA PHE A 373 28.88 -32.80 -3.85
C PHE A 373 27.45 -32.39 -4.21
N ASN A 374 27.35 -31.37 -5.06
CA ASN A 374 26.13 -30.91 -5.75
C ASN A 374 25.02 -30.47 -4.80
N PHE A 375 25.38 -29.86 -3.67
CA PHE A 375 24.37 -29.26 -2.80
C PHE A 375 24.05 -27.84 -3.28
N LEU A 376 23.13 -27.20 -2.54
CA LEU A 376 22.42 -25.96 -2.92
C LEU A 376 21.78 -26.06 -4.31
N ASN A 377 20.97 -27.08 -4.55
CA ASN A 377 20.37 -27.27 -5.87
C ASN A 377 19.14 -26.40 -6.06
N PHE A 378 18.14 -26.55 -5.19
CA PHE A 378 16.88 -25.84 -5.32
C PHE A 378 16.85 -24.80 -4.21
N ILE A 379 17.48 -23.66 -4.46
CA ILE A 379 17.74 -22.68 -3.41
C ILE A 379 16.50 -21.83 -3.11
N GLU A 380 15.50 -21.83 -4.00
CA GLU A 380 14.30 -21.05 -3.76
C GLU A 380 13.27 -21.78 -2.88
N ASP A 381 13.55 -23.01 -2.45
CA ASP A 381 12.58 -23.79 -1.69
C ASP A 381 12.47 -23.39 -0.22
N TRP A 382 13.35 -22.51 0.29
CA TRP A 382 13.21 -22.09 1.69
C TRP A 382 12.23 -20.93 1.81
N ARG A 383 11.84 -20.32 0.69
CA ARG A 383 10.76 -19.35 0.70
C ARG A 383 9.39 -20.02 0.82
N THR A 384 9.29 -21.29 0.44
CA THR A 384 8.10 -22.10 0.65
C THR A 384 7.95 -22.36 2.16
N SER A 385 6.69 -22.34 2.64
CA SER A 385 6.40 -22.26 4.08
C SER A 385 6.63 -23.56 4.85
N GLU A 386 7.00 -24.65 4.18
CA GLU A 386 7.38 -25.86 4.91
C GLU A 386 8.78 -25.73 5.51
N TYR A 387 9.61 -24.81 4.99
CA TYR A 387 10.93 -24.57 5.53
C TYR A 387 11.08 -23.21 6.21
N ARG A 388 10.15 -22.29 6.01
CA ARG A 388 10.21 -20.97 6.61
C ARG A 388 9.24 -20.92 7.80
N GLN A 389 9.79 -20.79 9.00
CA GLN A 389 9.01 -20.80 10.24
C GLN A 389 9.19 -19.48 10.97
N ALA A 390 8.21 -19.11 11.79
CA ALA A 390 8.37 -17.93 12.62
C ALA A 390 9.04 -18.31 13.94
N HIS A 391 10.01 -17.51 14.35
CA HIS A 391 10.79 -17.77 15.56
C HIS A 391 10.52 -16.69 16.60
N ASP A 392 10.42 -17.14 17.85
CA ASP A 392 10.35 -16.22 18.98
C ASP A 392 11.73 -15.60 19.22
N THR A 393 11.71 -14.42 19.86
CA THR A 393 12.94 -13.64 20.08
C THR A 393 13.82 -14.30 21.13
N ALA A 394 13.21 -14.97 22.11
CA ALA A 394 13.98 -15.73 23.09
C ALA A 394 14.43 -17.08 22.52
N GLU A 395 13.86 -17.51 21.39
CA GLU A 395 14.34 -18.71 20.73
C GLU A 395 15.50 -18.41 19.80
N ILE A 396 15.54 -17.18 19.25
CA ILE A 396 16.65 -16.75 18.39
C ILE A 396 17.91 -16.54 19.23
N LEU A 397 17.77 -15.92 20.40
CA LEU A 397 18.92 -15.62 21.25
C LEU A 397 19.46 -16.85 21.96
N SER A 398 18.62 -17.88 22.13
CA SER A 398 19.10 -19.11 22.75
C SER A 398 19.81 -20.00 21.73
N LEU A 399 19.33 -20.00 20.47
CA LEU A 399 19.91 -20.85 19.45
C LEU A 399 21.23 -20.30 18.93
N LEU A 400 21.34 -18.97 18.81
CA LEU A 400 22.48 -18.34 18.16
C LEU A 400 23.62 -18.02 19.11
N LEU A 401 23.52 -18.47 20.37
CA LEU A 401 24.54 -18.37 21.44
C LEU A 401 24.87 -16.91 21.76
N MET A 402 23.82 -16.12 21.96
CA MET A 402 23.90 -14.70 22.28
C MET A 402 22.83 -14.33 23.33
N ARG A 403 22.65 -15.21 24.32
CA ARG A 403 21.54 -15.09 25.26
C ARG A 403 21.81 -14.07 26.37
N LYS A 404 23.04 -13.58 26.48
CA LYS A 404 23.34 -12.48 27.40
C LYS A 404 23.00 -11.11 26.83
N LEU A 405 22.60 -11.03 25.57
CA LEU A 405 22.21 -9.77 24.96
C LEU A 405 20.75 -9.42 25.18
N GLY A 406 20.00 -10.25 25.92
CA GLY A 406 18.59 -9.97 26.14
C GLY A 406 18.37 -8.85 27.12
N THR A 407 19.32 -8.64 28.03
CA THR A 407 19.23 -7.50 28.93
C THR A 407 19.64 -6.21 28.22
N ALA A 408 20.46 -6.31 27.18
CA ALA A 408 20.95 -5.14 26.47
C ALA A 408 20.07 -4.77 25.28
N MET A 409 19.09 -5.60 24.93
CA MET A 409 18.17 -5.31 23.82
C MET A 409 17.00 -4.52 24.38
N ASN A 410 17.03 -3.20 24.25
CA ASN A 410 15.97 -2.36 24.77
C ASN A 410 15.51 -1.39 23.68
N PHE A 411 14.26 -0.96 23.79
CA PHE A 411 13.74 0.15 23.02
C PHE A 411 13.28 1.24 23.99
N GLN A 412 13.98 2.37 24.01
CA GLN A 412 13.87 3.32 25.11
C GLN A 412 13.32 4.65 24.64
N MET A 413 12.81 5.42 25.58
CA MET A 413 12.36 6.79 25.32
C MET A 413 13.22 7.77 26.10
N TYR A 414 13.80 8.74 25.41
CA TYR A 414 14.71 9.72 25.99
C TYR A 414 14.13 11.11 25.84
N GLN A 415 14.27 11.92 26.88
CA GLN A 415 13.84 13.32 26.83
C GLN A 415 15.07 14.21 26.88
N LYS A 416 15.24 15.05 25.87
CA LYS A 416 16.38 15.97 25.80
C LYS A 416 16.07 17.16 26.69
N LYS A 417 16.76 17.28 27.81
CA LYS A 417 16.59 18.42 28.69
C LYS A 417 17.91 19.16 28.81
N VAL A 418 17.91 20.41 28.36
CA VAL A 418 19.10 21.26 28.41
C VAL A 418 19.11 21.91 29.80
N LEU A 419 20.18 21.69 30.54
CA LEU A 419 20.27 22.18 31.91
C LEU A 419 20.85 23.59 31.93
N THR A 430 22.93 20.45 27.69
CA THR A 430 22.27 19.47 26.83
C THR A 430 22.52 18.05 27.32
N GLU A 431 21.48 17.37 27.76
CA GLU A 431 21.60 16.02 28.28
C GLU A 431 20.30 15.26 28.10
N LEU A 432 20.33 14.22 27.27
CA LEU A 432 19.17 13.38 27.00
C LEU A 432 18.98 12.41 28.16
N ARG A 433 18.23 12.82 29.18
CA ARG A 433 17.95 11.92 30.26
C ARG A 433 16.81 10.97 29.88
N GLU A 434 16.77 9.83 30.57
CA GLU A 434 15.98 8.67 30.17
C GLU A 434 14.60 8.72 30.79
N ILE A 435 13.58 8.42 29.98
CA ILE A 435 12.21 8.34 30.46
C ILE A 435 11.73 6.89 30.60
N ALA A 436 11.85 6.08 29.55
CA ALA A 436 11.24 4.76 29.52
C ALA A 436 12.23 3.75 28.99
N SER A 437 11.86 2.47 29.12
CA SER A 437 12.64 1.36 28.57
C SER A 437 11.74 0.16 28.38
N GLN A 438 11.64 -0.32 27.15
CA GLN A 438 10.88 -1.54 26.85
C GLN A 438 11.84 -2.58 26.33
N ASN A 439 11.91 -3.72 26.99
CA ASN A 439 12.84 -4.76 26.60
C ASN A 439 12.31 -5.52 25.40
N PHE A 440 13.22 -6.17 24.66
CA PHE A 440 12.82 -6.88 23.46
C PHE A 440 12.36 -8.31 23.76
N VAL A 441 12.98 -8.96 24.75
CA VAL A 441 12.74 -10.38 24.97
C VAL A 441 11.46 -10.59 25.76
N THR A 442 11.43 -10.10 27.00
CA THR A 442 10.20 -10.05 27.78
C THR A 442 9.77 -8.59 27.80
N ASN A 443 8.65 -8.27 27.14
CA ASN A 443 8.24 -6.89 26.92
C ASN A 443 7.65 -6.28 28.20
N VAL A 444 8.54 -5.95 29.12
CA VAL A 444 8.19 -5.29 30.37
C VAL A 444 8.63 -3.85 30.23
N THR A 445 7.69 -2.98 29.91
CA THR A 445 8.00 -1.56 29.83
C THR A 445 8.18 -0.99 31.24
N THR A 446 9.23 -0.20 31.41
CA THR A 446 9.62 0.32 32.71
C THR A 446 9.81 1.82 32.58
N TYR A 447 9.04 2.59 33.34
CA TYR A 447 9.06 4.03 33.26
C TYR A 447 9.84 4.59 34.45
N TYR A 448 10.72 5.54 34.17
CA TYR A 448 11.66 6.05 35.16
C TYR A 448 11.20 7.44 35.58
N HIS A 449 10.98 7.62 36.88
CA HIS A 449 10.57 8.90 37.44
C HIS A 449 11.69 9.44 38.32
N TYR A 450 12.09 10.69 38.05
CA TYR A 450 13.09 11.39 38.84
C TYR A 450 12.36 12.33 39.78
N ASN A 451 12.64 12.21 41.09
CA ASN A 451 11.92 12.96 42.11
C ASN A 451 12.49 14.36 42.26
N ARG A 452 12.08 15.24 41.35
CA ARG A 452 12.47 16.64 41.42
C ARG A 452 11.67 17.36 42.49
N ASP A 453 12.26 18.45 43.02
CA ASP A 453 11.79 19.36 44.06
C ASP A 453 11.50 18.67 45.41
N ASN A 454 12.09 17.48 45.69
CA ASN A 454 12.21 16.79 46.99
C ASN A 454 10.87 16.41 47.59
N HIS A 455 10.05 15.65 46.88
CA HIS A 455 8.79 15.20 47.47
C HIS A 455 8.92 13.78 48.01
N THR A 456 8.21 13.51 49.10
CA THR A 456 8.22 12.21 49.74
C THR A 456 7.09 11.31 49.22
N SER A 457 6.26 11.81 48.32
CA SER A 457 5.20 11.02 47.72
C SER A 457 4.92 11.56 46.33
N LEU A 458 4.54 10.66 45.43
CA LEU A 458 4.24 11.00 44.05
C LEU A 458 2.88 10.43 43.69
N GLU A 459 1.96 11.31 43.30
CA GLU A 459 0.65 10.93 42.80
C GLU A 459 0.82 10.32 41.42
N LEU A 460 0.21 9.17 41.19
CA LEU A 460 0.33 8.51 39.90
C LEU A 460 -0.57 9.17 38.88
N LYS A 461 0.02 9.64 37.79
CA LYS A 461 -0.74 10.28 36.72
C LYS A 461 -1.45 9.23 35.87
N THR A 462 -2.49 9.69 35.18
CA THR A 462 -3.21 8.85 34.24
C THR A 462 -2.35 8.63 32.99
N LYS A 463 -2.49 7.46 32.39
CA LYS A 463 -1.64 7.10 31.27
C LYS A 463 -2.14 7.75 29.98
N PHE A 464 -1.30 7.71 28.95
CA PHE A 464 -1.64 8.29 27.66
C PHE A 464 -2.64 7.41 26.92
N GLY A 465 -2.66 6.11 27.20
CA GLY A 465 -3.58 5.23 26.51
C GLY A 465 -5.00 5.34 27.03
N GLN A 466 -5.15 5.65 28.32
CA GLN A 466 -6.48 5.83 28.89
C GLN A 466 -7.08 7.18 28.53
N VAL A 467 -6.22 8.15 28.19
CA VAL A 467 -6.74 9.43 27.72
C VAL A 467 -7.08 9.37 26.23
N PHE A 468 -6.21 8.75 25.43
CA PHE A 468 -6.33 8.82 23.97
C PHE A 468 -6.97 7.58 23.37
N ASN A 469 -7.96 7.00 24.04
CA ASN A 469 -8.70 5.87 23.50
C ASN A 469 -9.85 6.37 22.63
N CYS A 470 -10.74 5.46 22.24
CA CYS A 470 -11.89 5.85 21.43
C CYS A 470 -13.16 5.90 22.28
N MET A 490 -14.03 9.38 9.66
CA MET A 490 -12.63 9.67 9.89
C MET A 490 -11.92 9.98 8.58
N PHE A 491 -11.46 11.22 8.43
CA PHE A 491 -10.77 11.61 7.23
C PHE A 491 -9.39 12.20 7.53
N TRP A 492 -8.46 11.97 6.61
CA TRP A 492 -7.05 12.31 6.77
C TRP A 492 -6.72 13.54 5.94
N ARG A 493 -6.14 14.56 6.57
CA ARG A 493 -5.68 15.76 5.88
C ARG A 493 -4.16 15.72 5.79
N ILE A 494 -3.62 15.71 4.57
CA ILE A 494 -2.21 15.40 4.36
C ILE A 494 -1.55 16.61 3.70
N LYS A 495 -0.48 17.12 4.32
CA LYS A 495 0.28 18.25 3.80
C LYS A 495 1.71 17.82 3.48
N MET A 496 2.10 17.92 2.21
CA MET A 496 3.47 17.70 1.78
C MET A 496 4.28 18.96 2.04
N ASP A 497 5.35 18.82 2.81
CA ASP A 497 6.16 19.95 3.23
C ASP A 497 7.64 19.59 3.04
N THR A 498 8.46 20.63 2.97
CA THR A 498 9.91 20.45 2.94
C THR A 498 10.60 21.57 3.70
N VAL B 77 -35.64 -28.94 -4.48
CA VAL B 77 -35.14 -27.58 -4.65
C VAL B 77 -35.12 -26.91 -3.27
N PRO B 78 -33.97 -26.34 -2.87
CA PRO B 78 -33.85 -25.83 -1.50
C PRO B 78 -34.54 -24.48 -1.29
N GLU B 79 -34.39 -23.97 -0.06
CA GLU B 79 -35.12 -22.79 0.38
C GLU B 79 -34.55 -21.51 -0.22
N ILE B 80 -33.24 -21.50 -0.51
CA ILE B 80 -32.56 -20.28 -0.96
C ILE B 80 -32.86 -20.01 -2.44
N CYS B 81 -33.29 -21.04 -3.17
CA CYS B 81 -33.74 -20.82 -4.54
C CYS B 81 -35.14 -20.23 -4.59
N LEU B 82 -36.01 -20.62 -3.64
CA LEU B 82 -37.36 -20.10 -3.61
C LEU B 82 -37.41 -18.68 -3.05
N ASN B 83 -36.67 -18.39 -1.99
CA ASN B 83 -36.75 -17.09 -1.35
C ASN B 83 -35.73 -16.08 -1.88
N GLY B 84 -34.56 -16.54 -2.31
CA GLY B 84 -33.55 -15.62 -2.81
C GLY B 84 -32.63 -15.14 -1.72
N LEU B 85 -32.21 -13.89 -1.83
CA LEU B 85 -31.29 -13.28 -0.88
C LEU B 85 -32.06 -12.39 0.08
N GLN B 86 -31.73 -12.49 1.37
CA GLN B 86 -32.42 -11.74 2.41
C GLN B 86 -31.41 -11.01 3.27
N LEU B 87 -31.78 -9.82 3.74
CA LEU B 87 -30.93 -9.00 4.61
C LEU B 87 -31.68 -8.56 5.85
N THR B 88 -31.00 -8.61 6.99
CA THR B 88 -31.46 -7.99 8.22
C THR B 88 -30.67 -6.70 8.42
N VAL B 89 -31.31 -5.56 8.15
CA VAL B 89 -30.62 -4.29 8.21
C VAL B 89 -30.96 -3.56 9.52
N THR B 96 -33.48 -3.36 11.61
CA THR B 96 -34.01 -4.69 11.83
C THR B 96 -35.17 -4.98 10.87
N VAL B 97 -34.96 -4.62 9.61
CA VAL B 97 -35.98 -4.74 8.57
C VAL B 97 -35.58 -5.89 7.65
N ILE B 98 -36.54 -6.78 7.38
CA ILE B 98 -36.30 -7.85 6.42
C ILE B 98 -36.37 -7.29 5.02
N ARG B 99 -35.22 -7.21 4.36
CA ARG B 99 -35.13 -6.69 3.00
C ARG B 99 -35.11 -7.86 2.03
N LYS B 100 -36.04 -7.87 1.09
CA LYS B 100 -36.23 -9.01 0.21
C LYS B 100 -35.31 -8.91 -1.00
N GLN B 101 -35.44 -9.89 -1.91
CA GLN B 101 -34.53 -10.04 -3.04
C GLN B 101 -34.75 -8.97 -4.11
N GLU B 102 -35.99 -8.51 -4.26
CA GLU B 102 -36.32 -7.60 -5.36
C GLU B 102 -35.93 -6.16 -5.06
N GLU B 103 -35.56 -5.86 -3.81
CA GLU B 103 -35.17 -4.50 -3.46
C GLU B 103 -33.77 -4.16 -3.94
N PHE B 104 -32.83 -5.10 -3.87
CA PHE B 104 -31.45 -4.76 -4.19
C PHE B 104 -30.84 -5.57 -5.33
N VAL B 105 -31.37 -6.75 -5.66
CA VAL B 105 -30.89 -7.53 -6.79
C VAL B 105 -31.73 -7.21 -8.00
N LYS B 106 -31.10 -6.72 -9.06
CA LYS B 106 -31.75 -6.49 -10.34
C LYS B 106 -31.46 -7.66 -11.27
N ILE B 107 -32.42 -8.58 -11.38
CA ILE B 107 -32.28 -9.79 -12.16
C ILE B 107 -32.53 -9.46 -13.62
N LEU B 108 -31.53 -9.68 -14.45
CA LEU B 108 -31.68 -9.68 -15.89
C LEU B 108 -31.57 -11.12 -16.39
N GLU B 109 -32.56 -11.55 -17.15
CA GLU B 109 -32.78 -12.98 -17.41
C GLU B 109 -31.83 -13.48 -18.49
N GLY B 110 -31.16 -14.59 -18.21
CA GLY B 110 -30.25 -15.19 -19.16
C GLY B 110 -29.97 -16.64 -18.81
N ASP B 111 -29.46 -17.37 -19.81
CA ASP B 111 -29.30 -18.81 -19.64
C ASP B 111 -28.04 -19.16 -18.86
N VAL B 112 -26.94 -18.44 -19.08
CA VAL B 112 -25.71 -18.66 -18.33
C VAL B 112 -25.47 -17.42 -17.48
N VAL B 113 -25.71 -17.54 -16.19
CA VAL B 113 -25.83 -16.40 -15.30
C VAL B 113 -24.45 -15.89 -14.88
N LEU B 114 -24.47 -14.75 -14.22
CA LEU B 114 -23.30 -14.08 -13.67
C LEU B 114 -23.81 -13.23 -12.52
N SER B 115 -22.92 -12.87 -11.59
CA SER B 115 -23.30 -12.03 -10.47
C SER B 115 -22.26 -10.94 -10.30
N VAL B 116 -22.71 -9.73 -9.96
CA VAL B 116 -21.82 -8.59 -9.75
C VAL B 116 -22.16 -7.95 -8.42
N LEU B 117 -21.21 -7.90 -7.50
CA LEU B 117 -21.40 -7.29 -6.18
C LEU B 117 -20.82 -5.89 -6.24
N THR B 118 -21.67 -4.91 -6.52
CA THR B 118 -21.23 -3.56 -6.84
C THR B 118 -21.99 -2.51 -6.03
N LYS B 119 -21.45 -1.29 -6.02
CA LYS B 119 -22.18 -0.17 -5.45
C LYS B 119 -23.09 0.48 -6.47
N ASP B 120 -22.73 0.38 -7.75
CA ASP B 120 -23.50 0.97 -8.84
C ASP B 120 -24.05 -0.15 -9.71
N PRO B 121 -25.31 -0.57 -9.53
CA PRO B 121 -25.81 -1.70 -10.31
C PRO B 121 -26.43 -1.30 -11.64
N ASP B 122 -26.64 -0.01 -11.87
CA ASP B 122 -27.23 0.43 -13.13
C ASP B 122 -26.20 0.37 -14.25
N SER B 123 -24.93 0.60 -13.92
CA SER B 123 -23.87 0.53 -14.92
C SER B 123 -23.48 -0.91 -15.24
N ALA B 124 -23.72 -1.83 -14.30
CA ALA B 124 -23.41 -3.23 -14.55
C ALA B 124 -24.46 -3.88 -15.44
N LEU B 125 -25.71 -3.42 -15.34
CA LEU B 125 -26.76 -3.97 -16.19
C LEU B 125 -26.69 -3.42 -17.61
N PHE B 126 -26.04 -2.27 -17.79
CA PHE B 126 -25.94 -1.70 -19.13
C PHE B 126 -24.92 -2.44 -19.98
N VAL B 127 -23.86 -2.94 -19.34
CA VAL B 127 -22.81 -3.67 -20.05
C VAL B 127 -23.31 -5.01 -20.54
N ILE B 128 -24.03 -5.73 -19.68
CA ILE B 128 -24.55 -7.06 -20.01
C ILE B 128 -25.77 -6.96 -20.94
N ASN B 129 -26.41 -5.79 -21.00
CA ASN B 129 -27.34 -5.51 -22.08
C ASN B 129 -26.61 -5.32 -23.40
N ARG B 130 -25.44 -4.69 -23.37
CA ARG B 130 -24.72 -4.38 -24.60
C ARG B 130 -23.92 -5.58 -25.13
N VAL B 131 -23.69 -6.59 -24.29
CA VAL B 131 -23.07 -7.83 -24.77
C VAL B 131 -24.02 -8.62 -25.64
N ASN B 132 -25.27 -8.79 -25.17
CA ASN B 132 -26.21 -9.72 -25.79
C ASN B 132 -26.77 -9.18 -27.09
N GLN B 133 -26.78 -7.85 -27.25
CA GLN B 133 -27.21 -7.28 -28.52
C GLN B 133 -26.07 -7.30 -29.53
N ALA B 134 -24.83 -7.37 -29.06
CA ALA B 134 -23.68 -7.36 -29.96
C ALA B 134 -23.31 -8.77 -30.40
N ASN B 135 -23.65 -9.79 -29.59
CA ASN B 135 -23.19 -11.19 -29.68
C ASN B 135 -21.66 -11.29 -29.71
N LEU B 136 -21.03 -10.95 -28.59
CA LEU B 136 -19.60 -11.15 -28.43
C LEU B 136 -19.20 -12.63 -28.44
N ILE B 137 -20.06 -13.50 -27.91
CA ILE B 137 -19.79 -14.93 -27.87
C ILE B 137 -20.36 -15.66 -29.07
N MET B 138 -21.05 -14.93 -29.97
CA MET B 138 -21.85 -15.37 -31.15
C MET B 138 -22.67 -16.63 -30.92
N ALA B 139 -23.42 -16.62 -29.82
CA ALA B 139 -24.21 -17.76 -29.38
C ALA B 139 -25.64 -17.32 -29.18
N ASP B 140 -26.57 -18.29 -29.24
CA ASP B 140 -27.99 -17.95 -29.21
C ASP B 140 -28.49 -17.63 -27.81
N PHE B 141 -27.78 -18.11 -26.78
CA PHE B 141 -28.19 -17.78 -25.43
C PHE B 141 -27.68 -16.39 -25.05
N GLU B 142 -28.16 -15.91 -23.91
CA GLU B 142 -27.82 -14.59 -23.43
C GLU B 142 -27.24 -14.72 -22.03
N ILE B 143 -26.24 -13.91 -21.75
CA ILE B 143 -25.65 -13.89 -20.43
C ILE B 143 -26.57 -13.09 -19.50
N GLY B 144 -26.94 -13.69 -18.40
CA GLY B 144 -27.72 -13.00 -17.38
C GLY B 144 -26.80 -12.37 -16.37
N ILE B 145 -27.30 -11.39 -15.64
CA ILE B 145 -26.58 -10.79 -14.53
C ILE B 145 -27.53 -10.74 -13.34
N ARG B 146 -27.06 -11.19 -12.18
CA ARG B 146 -27.76 -10.99 -10.92
C ARG B 146 -26.94 -10.01 -10.10
N ALA B 147 -27.14 -8.72 -10.33
CA ALA B 147 -26.27 -7.69 -9.77
C ALA B 147 -26.75 -7.28 -8.40
N ILE B 148 -25.85 -7.33 -7.42
CA ILE B 148 -26.17 -7.07 -6.03
C ILE B 148 -25.77 -5.65 -5.70
N SER B 149 -26.67 -4.91 -5.06
CA SER B 149 -26.41 -3.53 -4.69
C SER B 149 -25.70 -3.47 -3.35
N ILE B 150 -24.62 -2.68 -3.27
CA ILE B 150 -23.93 -2.46 -2.01
C ILE B 150 -24.05 -1.00 -1.61
N ASP B 151 -24.71 -0.74 -0.49
CA ASP B 151 -24.72 0.61 0.08
C ASP B 151 -23.93 0.65 1.38
N ASN B 152 -23.93 -0.45 2.13
CA ASN B 152 -23.17 -0.57 3.37
C ASN B 152 -22.00 -1.51 3.11
N ALA B 153 -20.81 -1.10 3.53
CA ALA B 153 -19.62 -1.92 3.32
C ALA B 153 -19.54 -3.07 4.31
N SER B 154 -20.25 -2.97 5.44
CA SER B 154 -20.22 -4.05 6.43
C SER B 154 -21.13 -5.20 6.02
N LEU B 155 -22.10 -4.94 5.15
CA LEU B 155 -22.97 -6.00 4.65
C LEU B 155 -22.43 -6.67 3.40
N ALA B 156 -21.23 -6.29 2.94
CA ALA B 156 -20.66 -6.92 1.76
C ALA B 156 -20.09 -8.30 2.09
N GLU B 157 -19.70 -8.50 3.35
CA GLU B 157 -19.20 -9.81 3.76
C GLU B 157 -20.35 -10.81 3.94
N ASN B 158 -21.51 -10.32 4.37
CA ASN B 158 -22.68 -11.18 4.49
C ASN B 158 -23.28 -11.51 3.14
N LEU B 159 -23.23 -10.56 2.20
CA LEU B 159 -23.87 -10.76 0.90
C LEU B 159 -23.00 -11.60 -0.02
N LEU B 160 -21.71 -11.69 0.27
CA LEU B 160 -20.83 -12.53 -0.55
C LEU B 160 -21.01 -13.99 -0.20
N ILE B 161 -21.43 -14.28 1.04
CA ILE B 161 -21.72 -15.66 1.45
C ILE B 161 -22.99 -16.17 0.78
N GLN B 162 -24.01 -15.31 0.68
CA GLN B 162 -25.32 -15.74 0.22
C GLN B 162 -25.39 -15.93 -1.29
N GLU B 163 -24.44 -15.34 -2.03
CA GLU B 163 -24.42 -15.52 -3.48
C GLU B 163 -23.60 -16.74 -3.87
N VAL B 164 -22.56 -17.06 -3.11
CA VAL B 164 -21.84 -18.33 -3.25
C VAL B 164 -22.75 -19.48 -2.82
N GLN B 165 -23.60 -19.25 -1.81
CA GLN B 165 -24.63 -20.24 -1.45
C GLN B 165 -25.80 -20.23 -2.43
N PHE B 166 -25.91 -19.23 -3.30
CA PHE B 166 -26.91 -19.28 -4.36
C PHE B 166 -26.39 -19.99 -5.60
N LEU B 167 -25.20 -19.59 -6.10
CA LEU B 167 -24.80 -19.89 -7.47
C LEU B 167 -24.33 -21.33 -7.64
N GLN B 168 -23.94 -21.98 -6.54
CA GLN B 168 -23.62 -23.39 -6.61
C GLN B 168 -24.89 -24.24 -6.69
N GLN B 169 -25.95 -23.80 -6.00
CA GLN B 169 -27.10 -24.67 -5.81
C GLN B 169 -28.17 -24.43 -6.86
N CYS B 170 -28.63 -23.19 -7.02
CA CYS B 170 -29.84 -22.91 -7.78
C CYS B 170 -29.60 -22.75 -9.27
N THR B 171 -28.36 -22.55 -9.71
CA THR B 171 -28.05 -22.21 -11.09
C THR B 171 -27.31 -23.34 -11.77
N THR B 172 -27.77 -23.72 -12.96
CA THR B 172 -27.16 -24.82 -13.69
C THR B 172 -25.83 -24.43 -14.31
N TYR B 173 -25.77 -23.25 -14.92
CA TYR B 173 -24.58 -22.76 -15.60
C TYR B 173 -24.20 -21.40 -15.02
N SER B 174 -23.39 -21.39 -13.98
CA SER B 174 -22.94 -20.13 -13.42
C SER B 174 -21.55 -19.81 -13.92
N MET B 175 -21.16 -18.54 -13.78
CA MET B 175 -19.82 -18.12 -14.17
C MET B 175 -19.01 -17.63 -12.97
N GLY B 176 -19.51 -16.65 -12.23
CA GLY B 176 -18.77 -16.21 -11.06
C GLY B 176 -19.26 -14.88 -10.56
N ILE B 177 -18.66 -14.44 -9.45
CA ILE B 177 -19.05 -13.22 -8.77
C ILE B 177 -17.99 -12.17 -9.05
N PHE B 178 -18.39 -11.06 -9.64
CA PHE B 178 -17.51 -9.91 -9.83
C PHE B 178 -17.67 -8.97 -8.64
N VAL B 179 -16.55 -8.59 -8.04
CA VAL B 179 -16.52 -7.74 -6.86
C VAL B 179 -15.76 -6.48 -7.24
N ASP B 180 -16.28 -5.32 -6.83
CA ASP B 180 -15.60 -4.03 -7.03
C ASP B 180 -14.28 -3.97 -6.27
N TRP B 181 -13.36 -3.14 -6.77
CA TRP B 181 -11.99 -3.12 -6.29
C TRP B 181 -11.87 -2.46 -4.92
N GLU B 182 -12.83 -1.61 -4.56
CA GLU B 182 -12.94 -1.12 -3.20
C GLU B 182 -13.40 -2.23 -2.25
N LEU B 183 -14.26 -3.13 -2.75
CA LEU B 183 -14.73 -4.23 -1.93
C LEU B 183 -13.87 -5.47 -2.09
N TYR B 184 -13.00 -5.51 -3.11
CA TYR B 184 -12.09 -6.64 -3.25
C TYR B 184 -10.94 -6.54 -2.26
N LYS B 185 -10.43 -5.31 -2.04
CA LYS B 185 -9.31 -5.12 -1.13
C LYS B 185 -9.77 -5.15 0.33
N GLN B 186 -11.05 -4.88 0.56
CA GLN B 186 -11.61 -4.98 1.91
C GLN B 186 -11.79 -6.43 2.33
N LEU B 187 -12.23 -7.29 1.40
CA LEU B 187 -12.69 -8.64 1.72
C LEU B 187 -11.70 -9.71 1.26
N GLU B 188 -10.39 -9.49 1.45
CA GLU B 188 -9.39 -10.41 0.92
C GLU B 188 -9.30 -11.71 1.72
N SER B 189 -9.75 -11.69 2.98
CA SER B 189 -9.72 -12.90 3.79
C SER B 189 -10.92 -13.80 3.47
N VAL B 190 -12.01 -13.20 2.98
CA VAL B 190 -13.27 -13.93 2.83
C VAL B 190 -13.31 -14.66 1.49
N ILE B 191 -12.70 -14.06 0.45
CA ILE B 191 -12.74 -14.59 -0.91
C ILE B 191 -11.90 -15.86 -1.06
N LYS B 192 -10.73 -15.89 -0.40
CA LYS B 192 -9.85 -17.06 -0.51
C LYS B 192 -10.35 -18.23 0.33
N ASP B 193 -11.23 -17.97 1.30
CA ASP B 193 -11.79 -19.05 2.10
C ASP B 193 -13.11 -19.56 1.52
N LEU B 194 -13.74 -18.77 0.63
CA LEU B 194 -15.02 -19.19 0.06
C LEU B 194 -14.83 -20.21 -1.06
N GLU B 195 -13.67 -20.17 -1.73
CA GLU B 195 -13.18 -21.14 -2.73
C GLU B 195 -14.08 -21.24 -3.97
N TYR B 196 -14.62 -20.12 -4.40
CA TYR B 196 -15.38 -20.03 -5.65
C TYR B 196 -14.67 -19.07 -6.58
N ASN B 197 -15.12 -19.03 -7.83
CA ASN B 197 -14.58 -18.12 -8.85
C ASN B 197 -15.07 -16.72 -8.55
N ILE B 198 -14.29 -16.00 -7.76
CA ILE B 198 -14.60 -14.60 -7.45
C ILE B 198 -13.48 -13.75 -8.04
N TRP B 199 -13.83 -12.84 -8.95
CA TRP B 199 -12.89 -12.04 -9.69
C TRP B 199 -13.06 -10.56 -9.35
N PRO B 200 -11.98 -9.77 -9.35
CA PRO B 200 -12.15 -8.35 -9.13
C PRO B 200 -12.56 -7.59 -10.38
N ILE B 201 -13.45 -6.63 -10.18
CA ILE B 201 -13.66 -5.55 -11.15
C ILE B 201 -12.45 -4.65 -10.94
N PRO B 202 -11.83 -4.13 -12.01
CA PRO B 202 -10.74 -3.14 -11.84
C PRO B 202 -11.25 -1.82 -11.28
N GLY B 203 -10.33 -1.05 -10.72
CA GLY B 203 -10.70 0.17 -10.02
C GLY B 203 -11.07 1.29 -10.97
N THR B 204 -12.07 2.06 -10.56
CA THR B 204 -12.54 3.20 -11.34
C THR B 204 -11.68 4.43 -11.13
N ARG B 205 -10.79 4.42 -10.13
CA ARG B 205 -9.87 5.52 -9.89
C ARG B 205 -8.68 5.52 -10.85
N ALA B 206 -8.50 4.50 -11.67
CA ALA B 206 -7.60 4.57 -12.80
C ALA B 206 -8.19 5.35 -13.97
N HIS B 207 -9.51 5.52 -14.00
CA HIS B 207 -10.18 6.33 -15.00
C HIS B 207 -10.50 7.73 -14.55
N LEU B 208 -10.53 7.98 -13.24
CA LEU B 208 -10.92 9.28 -12.69
C LEU B 208 -9.73 10.12 -12.24
N PHE B 209 -8.78 9.52 -11.53
CA PHE B 209 -7.66 10.29 -10.97
C PHE B 209 -6.62 10.76 -11.99
N PRO B 210 -6.35 10.10 -13.13
CA PRO B 210 -5.73 10.85 -14.24
C PRO B 210 -6.59 11.96 -14.81
N LYS B 211 -7.91 11.84 -14.78
CA LYS B 211 -8.74 12.90 -15.36
C LYS B 211 -9.05 13.98 -14.32
N VAL B 212 -8.80 13.71 -13.04
CA VAL B 212 -8.76 14.78 -12.05
C VAL B 212 -7.53 15.65 -12.28
N ALA B 213 -6.37 14.99 -12.45
CA ALA B 213 -5.11 15.71 -12.48
C ALA B 213 -4.83 16.35 -13.83
N HIS B 214 -5.55 15.92 -14.87
CA HIS B 214 -5.43 16.61 -16.15
C HIS B 214 -6.37 17.81 -16.24
N LEU B 215 -7.48 17.77 -15.49
CA LEU B 215 -8.32 18.96 -15.41
C LEU B 215 -7.71 20.00 -14.51
N LEU B 216 -6.87 19.58 -13.56
CA LEU B 216 -6.13 20.53 -12.74
C LEU B 216 -5.04 21.22 -13.53
N HIS B 217 -4.36 20.48 -14.43
CA HIS B 217 -3.07 20.90 -14.98
C HIS B 217 -3.22 22.04 -16.00
N GLN B 218 -4.36 22.13 -16.67
CA GLN B 218 -4.60 23.24 -17.57
C GLN B 218 -5.71 24.18 -17.10
N MET B 219 -6.03 24.17 -15.81
CA MET B 219 -6.92 25.15 -15.22
C MET B 219 -6.26 26.52 -15.18
N PRO B 220 -6.96 27.58 -15.61
CA PRO B 220 -6.40 28.94 -15.50
C PRO B 220 -6.33 29.41 -14.06
N TRP B 221 -5.34 30.27 -13.78
CA TRP B 221 -4.97 30.61 -12.42
C TRP B 221 -4.21 31.93 -12.46
N GLY B 222 -4.03 32.54 -11.29
CA GLY B 222 -3.20 33.72 -11.16
C GLY B 222 -1.74 33.36 -10.99
N GLU B 223 -0.93 34.38 -10.72
CA GLU B 223 0.51 34.19 -10.57
C GLU B 223 0.95 34.07 -9.12
N LYS B 224 0.12 33.48 -8.27
CA LYS B 224 0.45 33.25 -6.88
C LYS B 224 0.52 31.75 -6.62
N ILE B 225 1.62 31.31 -6.01
CA ILE B 225 1.73 29.90 -5.66
C ILE B 225 1.05 29.70 -4.31
N ALA B 226 0.14 28.75 -4.24
CA ALA B 226 -0.69 28.55 -3.07
C ALA B 226 -0.30 27.27 -2.34
N SER B 227 -0.76 27.16 -1.10
CA SER B 227 -0.45 26.01 -0.25
C SER B 227 -1.55 24.97 -0.35
N VAL B 228 -1.17 23.74 -0.69
CA VAL B 228 -2.14 22.69 -1.00
C VAL B 228 -2.20 21.72 0.18
N GLU B 229 -3.37 21.60 0.78
CA GLU B 229 -3.66 20.60 1.80
C GLU B 229 -4.77 19.70 1.29
N ILE B 230 -4.55 18.40 1.29
CA ILE B 230 -5.42 17.44 0.63
C ILE B 230 -6.11 16.58 1.67
N ALA B 231 -7.44 16.63 1.70
CA ALA B 231 -8.24 15.81 2.59
C ALA B 231 -8.81 14.63 1.82
N THR B 232 -8.67 13.42 2.35
CA THR B 232 -9.08 12.22 1.64
C THR B 232 -9.90 11.33 2.56
N GLU B 233 -10.68 10.42 1.95
CA GLU B 233 -11.41 9.44 2.74
C GLU B 233 -10.52 8.32 3.24
N THR B 234 -9.58 7.85 2.42
CA THR B 234 -8.59 6.85 2.81
C THR B 234 -7.23 7.27 2.27
N LEU B 235 -6.16 6.61 2.74
CA LEU B 235 -4.83 6.91 2.23
C LEU B 235 -4.54 6.26 0.89
N GLU B 236 -5.38 5.32 0.44
CA GLU B 236 -5.20 4.77 -0.90
C GLU B 236 -5.66 5.77 -1.96
N MET B 237 -6.57 6.67 -1.60
CA MET B 237 -6.95 7.73 -2.53
C MET B 237 -5.90 8.83 -2.59
N TYR B 238 -5.06 8.95 -1.55
CA TYR B 238 -3.98 9.93 -1.61
C TYR B 238 -2.79 9.40 -2.41
N ASN B 239 -2.54 8.09 -2.33
CA ASN B 239 -1.39 7.51 -3.03
C ASN B 239 -1.65 7.40 -4.52
N GLU B 240 -2.92 7.21 -4.90
CA GLU B 240 -3.25 7.11 -6.32
C GLU B 240 -3.43 8.48 -6.95
N PHE B 241 -3.66 9.51 -6.12
CA PHE B 241 -3.78 10.86 -6.68
C PHE B 241 -2.41 11.46 -6.96
N MET B 242 -1.48 11.35 -6.02
CA MET B 242 -0.20 12.03 -6.21
C MET B 242 0.75 11.20 -7.06
N GLU B 243 0.43 9.92 -7.31
CA GLU B 243 1.02 9.23 -8.44
C GLU B 243 0.53 9.83 -9.76
N ALA B 244 -0.76 10.20 -9.82
CA ALA B 244 -1.30 10.79 -11.03
C ALA B 244 -0.92 12.27 -11.14
N ALA B 245 -0.61 12.91 -10.01
CA ALA B 245 -0.12 14.27 -10.05
C ALA B 245 1.34 14.32 -10.49
N ARG B 246 2.09 13.26 -10.21
CA ARG B 246 3.50 13.20 -10.60
C ARG B 246 3.64 12.97 -12.10
N GLN B 247 2.68 12.28 -12.70
CA GLN B 247 2.73 11.99 -14.13
C GLN B 247 2.34 13.22 -14.95
N GLU B 248 1.65 14.17 -14.36
CA GLU B 248 1.34 15.44 -14.99
C GLU B 248 2.30 16.55 -14.58
N HIS B 249 3.42 16.19 -13.95
CA HIS B 249 4.54 17.03 -13.49
C HIS B 249 4.10 18.12 -12.52
N MET B 250 3.11 17.89 -11.68
CA MET B 250 2.74 18.81 -10.62
C MET B 250 3.14 18.22 -9.27
N CYS B 251 4.01 18.92 -8.56
CA CYS B 251 4.30 18.63 -7.16
C CYS B 251 3.67 19.72 -6.29
N LEU B 252 2.70 19.32 -5.48
CA LEU B 252 1.89 20.22 -4.68
C LEU B 252 2.49 20.29 -3.29
N MET B 253 2.99 21.46 -2.92
CA MET B 253 3.67 21.66 -1.65
C MET B 253 2.80 22.52 -0.75
N HIS B 254 2.94 22.30 0.55
CA HIS B 254 2.26 23.11 1.56
C HIS B 254 3.26 24.10 2.14
N PHE B 255 2.85 25.36 2.23
CA PHE B 255 3.66 26.40 2.84
C PHE B 255 2.94 26.97 4.05
N LYS B 256 3.56 27.97 4.66
CA LYS B 256 2.85 28.86 5.59
C LYS B 256 2.50 30.13 4.82
N SER B 257 1.62 29.97 3.83
CA SER B 257 1.22 31.03 2.93
C SER B 257 -0.20 31.45 3.24
N ASP B 258 -0.55 32.69 2.87
CA ASP B 258 -1.88 33.19 3.16
C ASP B 258 -2.91 32.63 2.17
N ASP B 259 -2.48 32.28 0.97
CA ASP B 259 -3.33 31.61 0.00
C ASP B 259 -3.33 30.11 0.31
N ASN B 260 -4.50 29.49 0.25
CA ASN B 260 -4.63 28.07 0.54
C ASN B 260 -5.42 27.40 -0.58
N VAL B 261 -5.19 26.11 -0.77
CA VAL B 261 -5.92 25.28 -1.72
C VAL B 261 -6.29 23.99 -1.00
N TYR B 262 -7.57 23.63 -1.02
CA TYR B 262 -8.03 22.42 -0.33
C TYR B 262 -8.66 21.47 -1.34
N ILE B 263 -7.91 20.46 -1.77
CA ILE B 263 -8.41 19.46 -2.70
C ILE B 263 -8.98 18.32 -1.88
N MET B 264 -10.31 18.23 -1.81
CA MET B 264 -10.99 17.25 -0.97
C MET B 264 -11.52 16.11 -1.80
N PHE B 265 -11.33 14.89 -1.31
CA PHE B 265 -11.72 13.66 -2.00
C PHE B 265 -12.79 12.95 -1.19
N GLY B 266 -14.03 13.02 -1.64
CA GLY B 266 -15.12 12.35 -0.95
C GLY B 266 -16.40 13.13 -0.93
N ASN B 267 -17.53 12.43 -0.73
CA ASN B 267 -18.83 13.09 -0.69
C ASN B 267 -19.06 13.80 0.64
N LYS B 268 -18.65 13.19 1.75
CA LYS B 268 -19.04 13.69 3.05
C LYS B 268 -18.08 14.74 3.58
N LEU B 269 -16.96 14.96 2.89
CA LEU B 269 -15.87 15.76 3.42
C LEU B 269 -16.13 17.25 3.29
N ALA B 270 -16.53 17.68 2.09
CA ALA B 270 -16.80 19.10 1.83
C ALA B 270 -18.26 19.40 2.15
N SER B 271 -18.55 19.51 3.44
CA SER B 271 -19.88 19.80 3.93
C SER B 271 -19.81 20.99 4.87
N HIS B 272 -20.12 22.19 4.33
CA HIS B 272 -20.08 23.50 5.01
C HIS B 272 -18.71 23.81 5.60
N PHE B 273 -17.68 23.80 4.74
CA PHE B 273 -16.33 24.05 5.21
C PHE B 273 -16.09 25.55 5.35
N LYS B 274 -15.22 25.92 6.29
CA LYS B 274 -15.16 27.31 6.75
C LYS B 274 -13.85 28.02 6.44
N GLU B 275 -12.84 27.34 5.93
CA GLU B 275 -11.58 28.01 5.62
C GLU B 275 -11.70 28.76 4.30
N ASN B 276 -10.80 29.71 4.09
CA ASN B 276 -10.98 30.76 3.09
C ASN B 276 -10.33 30.45 1.74
N GLY B 277 -9.67 29.30 1.61
CA GLY B 277 -9.00 28.93 0.38
C GLY B 277 -9.97 28.37 -0.65
N THR B 278 -9.45 28.20 -1.87
CA THR B 278 -10.25 27.61 -2.94
C THR B 278 -10.34 26.11 -2.75
N LEU B 279 -11.54 25.56 -2.99
CA LEU B 279 -11.85 24.18 -2.60
C LEU B 279 -12.15 23.39 -3.87
N PHE B 280 -11.50 22.23 -3.99
CA PHE B 280 -11.70 21.32 -5.12
C PHE B 280 -12.30 20.02 -4.59
N SER B 281 -13.63 19.96 -4.56
CA SER B 281 -14.30 18.78 -4.06
C SER B 281 -14.35 17.70 -5.12
N VAL B 282 -13.81 16.53 -4.81
CA VAL B 282 -13.86 15.40 -5.73
C VAL B 282 -14.75 14.32 -5.14
N PRO B 283 -15.99 14.16 -5.60
CA PRO B 283 -16.85 13.09 -5.08
C PRO B 283 -16.42 11.72 -5.61
N THR B 284 -16.47 10.73 -4.72
CA THR B 284 -16.07 9.36 -5.04
C THR B 284 -17.25 8.45 -5.31
N ASP B 285 -18.47 8.93 -5.16
CA ASP B 285 -19.65 8.15 -5.51
C ASP B 285 -20.64 9.06 -6.20
N ARG B 286 -21.87 8.57 -6.33
CA ARG B 286 -22.93 9.34 -6.98
C ARG B 286 -23.41 10.46 -6.08
N THR B 287 -23.70 11.61 -6.69
CA THR B 287 -24.14 12.77 -5.93
C THR B 287 -25.65 12.68 -5.68
N ASP B 288 -26.08 13.37 -4.63
CA ASP B 288 -27.50 13.52 -4.32
C ASP B 288 -27.73 14.96 -3.94
N ASP B 289 -28.97 15.28 -3.56
CA ASP B 289 -29.39 16.67 -3.38
C ASP B 289 -28.89 17.26 -2.07
N GLU B 290 -28.44 16.42 -1.15
CA GLU B 290 -27.75 16.90 0.03
C GLU B 290 -26.36 17.42 -0.32
N PHE B 291 -25.71 16.82 -1.32
CA PHE B 291 -24.32 17.14 -1.61
C PHE B 291 -24.18 18.47 -2.36
N LEU B 292 -25.12 18.78 -3.27
CA LEU B 292 -25.02 20.04 -4.01
C LEU B 292 -25.51 21.24 -3.18
N ALA B 293 -26.16 21.00 -2.05
CA ALA B 293 -26.57 22.11 -1.19
C ALA B 293 -25.55 22.41 -0.10
N ASP B 294 -24.82 21.39 0.35
CA ASP B 294 -23.93 21.52 1.50
C ASP B 294 -22.52 21.96 1.15
N LEU B 295 -22.21 22.20 -0.12
CA LEU B 295 -20.90 22.73 -0.49
C LEU B 295 -20.80 24.21 -0.12
N PRO B 296 -19.60 24.75 0.09
CA PRO B 296 -19.46 26.20 0.22
C PRO B 296 -19.62 26.89 -1.12
N ASN B 297 -19.84 28.21 -1.04
CA ASN B 297 -19.95 29.04 -2.22
C ASN B 297 -18.58 29.19 -2.88
N ARG B 298 -18.60 29.19 -4.23
CA ARG B 298 -17.44 29.20 -5.14
C ARG B 298 -16.48 28.04 -4.89
N ALA B 299 -17.04 26.85 -4.69
CA ALA B 299 -16.29 25.62 -4.56
C ALA B 299 -16.31 24.88 -5.89
N PHE B 300 -15.26 24.12 -6.16
CA PHE B 300 -15.14 23.41 -7.44
C PHE B 300 -15.47 21.93 -7.25
N VAL B 301 -16.27 21.39 -8.16
CA VAL B 301 -16.76 20.01 -8.07
C VAL B 301 -16.14 19.23 -9.21
N LEU B 302 -15.41 18.16 -8.90
CA LEU B 302 -14.77 17.36 -9.95
C LEU B 302 -15.48 16.01 -10.03
N MET B 303 -16.48 15.92 -10.90
CA MET B 303 -17.34 14.75 -11.02
C MET B 303 -17.57 14.39 -12.47
N GLU B 304 -18.07 13.18 -12.71
CA GLU B 304 -18.39 12.74 -14.06
C GLU B 304 -19.89 12.79 -14.28
N ASN B 305 -20.28 12.92 -15.55
CA ASN B 305 -21.68 13.00 -15.94
C ASN B 305 -22.30 11.62 -15.89
N GLU B 306 -23.45 11.51 -15.23
CA GLU B 306 -24.26 10.31 -15.36
C GLU B 306 -25.01 10.33 -16.68
N ILE B 307 -24.85 9.25 -17.45
CA ILE B 307 -25.46 9.20 -18.78
C ILE B 307 -26.87 8.63 -18.69
N ASP B 308 -27.86 9.45 -19.02
CA ASP B 308 -29.26 9.09 -18.85
C ASP B 308 -29.70 8.22 -20.03
N LEU B 309 -30.19 7.02 -19.71
CA LEU B 309 -30.63 6.07 -20.72
C LEU B 309 -32.13 6.21 -20.94
N SER B 310 -32.53 6.52 -22.17
CA SER B 310 -33.96 6.57 -22.47
C SER B 310 -34.37 5.57 -23.55
N THR B 311 -33.74 5.65 -24.72
CA THR B 311 -34.09 4.78 -25.83
C THR B 311 -32.83 4.11 -26.38
N ALA B 312 -33.04 3.14 -27.27
CA ALA B 312 -31.93 2.35 -27.80
C ALA B 312 -31.33 2.97 -29.05
N VAL B 313 -31.99 3.94 -29.66
CA VAL B 313 -31.47 4.56 -30.87
C VAL B 313 -30.43 5.63 -30.53
N GLU B 314 -30.40 6.06 -29.27
CA GLU B 314 -29.38 7.01 -28.81
C GLU B 314 -28.08 6.29 -28.50
N LEU B 315 -28.10 4.96 -28.36
CA LEU B 315 -26.89 4.23 -27.99
C LEU B 315 -26.05 3.90 -29.21
N ASP B 316 -26.68 3.49 -30.31
CA ASP B 316 -25.97 3.12 -31.52
C ASP B 316 -26.89 3.29 -32.72
N ALA B 317 -26.29 3.52 -33.89
CA ALA B 317 -27.06 3.56 -35.13
C ALA B 317 -27.41 2.15 -35.62
N THR B 318 -26.67 1.15 -35.16
CA THR B 318 -27.06 -0.25 -35.36
C THR B 318 -28.30 -0.54 -34.50
N PRO B 319 -29.36 -1.10 -35.09
CA PRO B 319 -30.64 -1.23 -34.35
C PRO B 319 -30.61 -2.33 -33.29
N THR B 320 -30.55 -1.90 -32.02
CA THR B 320 -30.56 -2.79 -30.88
C THR B 320 -31.79 -2.48 -30.04
N ALA B 321 -31.88 -3.11 -28.88
CA ALA B 321 -33.00 -2.92 -27.97
C ALA B 321 -32.48 -2.70 -26.55
N LEU B 322 -33.02 -1.68 -25.88
CA LEU B 322 -32.69 -1.44 -24.49
C LEU B 322 -33.75 -2.11 -23.61
N ASP B 323 -33.30 -2.70 -22.51
CA ASP B 323 -34.16 -3.48 -21.64
C ASP B 323 -35.07 -2.58 -20.80
N GLU B 324 -36.17 -3.15 -20.32
CA GLU B 324 -37.19 -2.35 -19.65
C GLU B 324 -36.84 -2.06 -18.20
N ILE B 325 -35.83 -2.76 -17.67
CA ILE B 325 -35.31 -2.46 -16.35
C ILE B 325 -34.33 -1.27 -16.42
N LEU B 326 -33.80 -0.98 -17.62
CA LEU B 326 -32.80 0.06 -17.80
C LEU B 326 -33.34 1.35 -18.37
N ILE B 327 -34.61 1.41 -18.78
CA ILE B 327 -35.16 2.65 -19.33
C ILE B 327 -35.50 3.58 -18.19
N GLY B 328 -34.88 4.76 -18.18
CA GLY B 328 -35.08 5.70 -17.10
C GLY B 328 -34.01 5.67 -16.03
N LYS B 329 -32.91 4.97 -16.28
CA LYS B 329 -31.83 4.87 -15.30
C LYS B 329 -30.59 5.54 -15.88
N SER B 330 -29.62 5.82 -15.02
CA SER B 330 -28.41 6.52 -15.41
C SER B 330 -27.19 5.70 -15.03
N VAL B 331 -26.16 5.74 -15.89
CA VAL B 331 -24.97 4.90 -15.73
C VAL B 331 -23.77 5.80 -15.51
N LEU B 332 -22.72 5.25 -14.93
CA LEU B 332 -21.50 6.01 -14.75
C LEU B 332 -20.43 5.53 -15.73
N PRO B 333 -19.69 6.44 -16.38
CA PRO B 333 -18.72 6.02 -17.39
C PRO B 333 -17.44 5.44 -16.80
N SER B 334 -17.14 5.72 -15.53
CA SER B 334 -16.03 5.03 -14.89
C SER B 334 -16.42 3.61 -14.49
N ARG B 335 -17.66 3.42 -14.07
CA ARG B 335 -18.11 2.10 -13.65
C ARG B 335 -18.52 1.24 -14.82
N VAL B 336 -18.76 1.85 -15.98
CA VAL B 336 -18.99 1.05 -17.19
C VAL B 336 -17.67 0.54 -17.72
N LEU B 337 -16.68 1.42 -17.90
CA LEU B 337 -15.47 1.09 -18.65
C LEU B 337 -14.50 0.25 -17.83
N SER B 338 -14.57 0.32 -16.51
CA SER B 338 -13.80 -0.59 -15.69
C SER B 338 -14.41 -1.98 -15.71
N PHE B 339 -15.75 -2.04 -15.76
CA PHE B 339 -16.42 -3.33 -15.83
C PHE B 339 -16.38 -3.92 -17.23
N ALA B 340 -16.44 -3.08 -18.27
CA ALA B 340 -16.45 -3.61 -19.63
C ALA B 340 -15.05 -3.90 -20.15
N GLY B 341 -14.02 -3.52 -19.39
CA GLY B 341 -12.68 -3.99 -19.71
C GLY B 341 -12.47 -5.45 -19.35
N SER B 342 -13.25 -5.95 -18.39
CA SER B 342 -13.07 -7.33 -17.93
C SER B 342 -14.04 -8.29 -18.60
N ILE B 343 -15.19 -7.77 -19.07
CA ILE B 343 -16.18 -8.63 -19.74
C ILE B 343 -15.72 -8.99 -21.15
N ILE B 344 -15.05 -8.06 -21.85
CA ILE B 344 -14.50 -8.36 -23.18
C ILE B 344 -13.27 -9.25 -23.07
N ASP B 345 -12.58 -9.23 -21.92
CA ASP B 345 -11.59 -10.27 -21.64
C ASP B 345 -12.23 -11.61 -21.29
N LEU B 346 -13.49 -11.59 -20.84
CA LEU B 346 -14.14 -12.84 -20.44
C LEU B 346 -14.99 -13.42 -21.57
N MET B 347 -15.66 -12.58 -22.37
CA MET B 347 -16.51 -13.11 -23.43
C MET B 347 -15.71 -13.48 -24.66
N ASN B 348 -14.47 -13.02 -24.78
CA ASN B 348 -13.59 -13.51 -25.84
C ASN B 348 -12.91 -14.80 -25.41
N TRP B 349 -12.82 -15.03 -24.10
CA TRP B 349 -12.46 -16.36 -23.61
C TRP B 349 -13.58 -17.35 -23.86
N LEU B 350 -14.83 -16.89 -23.74
CA LEU B 350 -15.98 -17.79 -23.81
C LEU B 350 -16.27 -18.22 -25.24
N ARG B 351 -15.83 -17.44 -26.22
CA ARG B 351 -15.99 -17.85 -27.61
C ARG B 351 -15.02 -18.96 -27.97
N GLY B 352 -13.85 -18.95 -27.36
CA GLY B 352 -12.92 -20.05 -27.56
C GLY B 352 -13.31 -21.28 -26.75
N SER B 353 -13.95 -21.08 -25.61
CA SER B 353 -14.35 -22.20 -24.76
C SER B 353 -15.63 -22.85 -25.26
N LEU B 354 -16.38 -22.14 -26.12
CA LEU B 354 -17.50 -22.77 -26.79
C LEU B 354 -17.11 -23.27 -28.18
N SER B 355 -15.88 -23.00 -28.60
CA SER B 355 -15.44 -23.48 -29.91
C SER B 355 -14.96 -24.92 -29.82
N LYS B 356 -14.16 -25.23 -28.80
CA LYS B 356 -13.58 -26.56 -28.69
C LYS B 356 -14.53 -27.54 -28.01
N HIS B 357 -15.48 -27.03 -27.22
CA HIS B 357 -16.38 -27.87 -26.43
C HIS B 357 -17.76 -28.01 -27.05
N CYS B 358 -18.13 -27.13 -27.96
CA CYS B 358 -19.51 -27.09 -28.43
C CYS B 358 -19.52 -26.94 -29.94
N LYS B 359 -20.59 -27.42 -30.55
CA LYS B 359 -20.75 -27.43 -31.99
C LYS B 359 -21.70 -26.30 -32.39
N ARG B 360 -21.55 -25.81 -33.62
CA ARG B 360 -22.37 -24.71 -34.10
C ARG B 360 -23.66 -25.22 -34.72
N ASP B 365 -24.05 -20.97 -37.99
CA ASP B 365 -22.78 -21.00 -37.28
C ASP B 365 -22.93 -20.54 -35.84
N LEU B 366 -24.12 -20.76 -35.28
CA LEU B 366 -24.53 -20.18 -34.01
C LEU B 366 -24.44 -21.26 -32.94
N TYR B 367 -23.78 -20.95 -31.82
CA TYR B 367 -23.49 -21.96 -30.81
C TYR B 367 -24.73 -22.23 -29.95
N VAL B 368 -25.51 -23.24 -30.36
CA VAL B 368 -26.75 -23.59 -29.69
C VAL B 368 -26.42 -24.36 -28.41
N LEU B 369 -27.02 -23.93 -27.29
CA LEU B 369 -26.77 -24.51 -25.96
C LEU B 369 -27.27 -25.96 -25.82
N GLU B 370 -28.21 -26.38 -26.65
CA GLU B 370 -28.63 -27.78 -26.64
C GLU B 370 -27.59 -28.70 -27.28
N SER B 371 -26.72 -28.14 -28.13
CA SER B 371 -25.58 -28.88 -28.66
C SER B 371 -24.28 -28.57 -27.91
N CYS B 372 -24.36 -27.83 -26.80
CA CYS B 372 -23.20 -27.54 -25.97
C CYS B 372 -23.15 -28.48 -24.79
N PHE B 373 -21.99 -29.08 -24.55
CA PHE B 373 -21.79 -30.01 -23.45
C PHE B 373 -20.45 -29.72 -22.80
N ASN B 374 -20.48 -29.63 -21.46
CA ASN B 374 -19.31 -29.58 -20.55
C ASN B 374 -18.39 -28.40 -20.79
N PHE B 375 -18.94 -27.25 -21.15
CA PHE B 375 -18.14 -26.05 -21.22
C PHE B 375 -18.05 -25.39 -19.85
N LEU B 376 -17.33 -24.25 -19.81
CA LEU B 376 -16.84 -23.57 -18.59
C LEU B 376 -16.08 -24.52 -17.67
N ASN B 377 -15.08 -25.23 -18.19
CA ASN B 377 -14.35 -26.18 -17.36
C ASN B 377 -13.29 -25.52 -16.50
N PHE B 378 -12.35 -24.80 -17.12
CA PHE B 378 -11.24 -24.18 -16.42
C PHE B 378 -11.50 -22.68 -16.43
N ILE B 379 -12.31 -22.22 -15.47
CA ILE B 379 -12.84 -20.87 -15.50
C ILE B 379 -11.80 -19.85 -15.00
N GLU B 380 -10.75 -20.31 -14.31
CA GLU B 380 -9.74 -19.39 -13.81
C GLU B 380 -8.68 -19.05 -14.85
N ASP B 381 -8.75 -19.60 -16.07
CA ASP B 381 -7.71 -19.39 -17.08
C ASP B 381 -7.80 -18.03 -17.77
N TRP B 382 -8.87 -17.25 -17.57
CA TRP B 382 -8.92 -15.94 -18.22
C TRP B 382 -8.20 -14.89 -17.38
N ARG B 383 -7.84 -15.23 -16.14
CA ARG B 383 -6.96 -14.37 -15.35
C ARG B 383 -5.51 -14.47 -15.81
N THR B 384 -5.14 -15.57 -16.45
CA THR B 384 -3.85 -15.73 -17.09
C THR B 384 -3.76 -14.79 -18.30
N SER B 385 -2.58 -14.19 -18.50
CA SER B 385 -2.44 -13.04 -19.40
C SER B 385 -2.46 -13.39 -20.90
N GLU B 386 -2.57 -14.67 -21.27
CA GLU B 386 -2.77 -15.02 -22.67
C GLU B 386 -4.22 -14.76 -23.11
N TYR B 387 -5.15 -14.68 -22.15
CA TYR B 387 -6.54 -14.38 -22.44
C TYR B 387 -7.00 -13.01 -21.95
N ARG B 388 -6.25 -12.37 -21.07
CA ARG B 388 -6.60 -11.06 -20.53
C ARG B 388 -5.76 -9.99 -21.23
N GLN B 389 -6.41 -9.14 -22.00
CA GLN B 389 -5.75 -8.11 -22.80
C GLN B 389 -6.24 -6.73 -22.35
N ALA B 390 -5.42 -5.71 -22.57
CA ALA B 390 -5.86 -4.35 -22.32
C ALA B 390 -6.55 -3.78 -23.55
N HIS B 391 -7.69 -3.13 -23.33
CA HIS B 391 -8.50 -2.57 -24.40
C HIS B 391 -8.52 -1.05 -24.31
N ASP B 392 -8.44 -0.41 -25.48
CA ASP B 392 -8.65 1.01 -25.59
C ASP B 392 -10.12 1.34 -25.41
N THR B 393 -10.39 2.59 -25.00
CA THR B 393 -11.75 3.02 -24.66
C THR B 393 -12.59 3.19 -25.93
N ALA B 394 -11.95 3.56 -27.04
CA ALA B 394 -12.65 3.63 -28.33
C ALA B 394 -12.78 2.24 -28.96
N GLU B 395 -12.04 1.25 -28.46
CA GLU B 395 -12.22 -0.12 -28.91
C GLU B 395 -13.35 -0.81 -28.14
N ILE B 396 -13.56 -0.39 -26.88
CA ILE B 396 -14.66 -0.92 -26.07
C ILE B 396 -16.00 -0.43 -26.60
N LEU B 397 -16.08 0.85 -26.96
CA LEU B 397 -17.33 1.44 -27.43
C LEU B 397 -17.66 1.00 -28.85
N SER B 398 -16.67 0.61 -29.63
CA SER B 398 -16.94 0.14 -30.98
C SER B 398 -17.40 -1.31 -30.97
N LEU B 399 -16.83 -2.12 -30.06
CA LEU B 399 -17.17 -3.54 -30.01
C LEU B 399 -18.52 -3.78 -29.38
N LEU B 400 -18.87 -3.01 -28.35
CA LEU B 400 -20.05 -3.27 -27.54
C LEU B 400 -21.31 -2.58 -28.06
N LEU B 401 -21.22 -1.95 -29.24
CA LEU B 401 -22.33 -1.31 -29.98
C LEU B 401 -22.96 -0.17 -29.16
N MET B 402 -22.10 0.70 -28.66
CA MET B 402 -22.47 1.87 -27.86
C MET B 402 -21.60 3.08 -28.24
N ARG B 403 -21.32 3.22 -29.54
CA ARG B 403 -20.34 4.21 -30.02
C ARG B 403 -20.91 5.62 -30.08
N LYS B 404 -22.22 5.78 -29.92
CA LYS B 404 -22.80 7.12 -29.81
C LYS B 404 -22.71 7.69 -28.40
N LEU B 405 -22.26 6.92 -27.42
CA LEU B 405 -22.15 7.43 -26.06
C LEU B 405 -20.88 8.22 -25.81
N GLY B 406 -19.95 8.26 -26.79
CA GLY B 406 -18.62 8.80 -26.52
C GLY B 406 -18.60 10.32 -26.43
N THR B 407 -19.62 10.98 -26.98
CA THR B 407 -19.78 12.41 -26.74
C THR B 407 -20.33 12.67 -25.34
N ALA B 408 -21.05 11.69 -24.77
CA ALA B 408 -21.68 11.87 -23.47
C ALA B 408 -20.82 11.37 -22.31
N MET B 409 -19.69 10.70 -22.58
CA MET B 409 -18.75 10.30 -21.53
C MET B 409 -17.79 11.45 -21.30
N ASN B 410 -18.05 12.26 -20.28
CA ASN B 410 -17.20 13.39 -19.96
C ASN B 410 -16.85 13.35 -18.48
N PHE B 411 -15.71 13.95 -18.14
CA PHE B 411 -15.34 14.21 -16.76
C PHE B 411 -15.18 15.72 -16.61
N GLN B 412 -16.08 16.35 -15.86
CA GLN B 412 -16.25 17.79 -15.92
C GLN B 412 -15.92 18.44 -14.59
N MET B 413 -15.65 19.74 -14.64
CA MET B 413 -15.43 20.55 -13.43
C MET B 413 -16.52 21.60 -13.33
N TYR B 414 -17.22 21.62 -12.20
CA TYR B 414 -18.35 22.51 -11.97
C TYR B 414 -18.03 23.44 -10.81
N GLN B 415 -18.41 24.71 -10.94
CA GLN B 415 -18.26 25.67 -9.86
C GLN B 415 -19.64 26.06 -9.35
N LYS B 416 -19.88 25.85 -8.06
CA LYS B 416 -21.15 26.20 -7.44
C LYS B 416 -21.14 27.70 -7.16
N LYS B 417 -21.93 28.46 -7.91
CA LYS B 417 -22.05 29.90 -7.67
C LYS B 417 -23.48 30.22 -7.33
N VAL B 418 -23.70 30.72 -6.11
CA VAL B 418 -25.03 31.10 -5.64
C VAL B 418 -25.25 32.53 -6.12
N LEU B 419 -26.32 32.72 -6.88
CA LEU B 419 -26.61 34.02 -7.47
C LEU B 419 -27.45 34.86 -6.51
N THR B 430 -28.55 29.31 -6.04
CA THR B 430 -27.64 28.17 -6.11
C THR B 430 -27.67 27.53 -7.49
N GLU B 431 -26.55 27.59 -8.21
CA GLU B 431 -26.46 27.05 -9.55
C GLU B 431 -25.02 26.66 -9.86
N LEU B 432 -24.80 25.37 -10.07
CA LEU B 432 -23.48 24.82 -10.40
C LEU B 432 -23.19 25.06 -11.88
N ARG B 433 -22.63 26.21 -12.21
CA ARG B 433 -22.25 26.45 -13.58
C ARG B 433 -20.93 25.76 -13.90
N GLU B 434 -20.70 25.54 -15.19
CA GLU B 434 -19.69 24.61 -15.69
C GLU B 434 -18.39 25.36 -15.98
N ILE B 435 -17.28 24.76 -15.58
CA ILE B 435 -15.96 25.30 -15.89
C ILE B 435 -15.26 24.51 -17.00
N ALA B 436 -15.13 23.19 -16.84
CA ALA B 436 -14.28 22.40 -17.72
C ALA B 436 -15.02 21.17 -18.17
N SER B 437 -14.45 20.47 -19.15
CA SER B 437 -14.96 19.19 -19.64
C SER B 437 -13.83 18.42 -20.31
N GLN B 438 -13.52 17.25 -19.79
CA GLN B 438 -12.54 16.37 -20.40
C GLN B 438 -13.25 15.11 -20.88
N ASN B 439 -13.15 14.83 -22.17
CA ASN B 439 -13.84 13.68 -22.74
C ASN B 439 -13.10 12.40 -22.42
N PHE B 440 -13.82 11.28 -22.44
CA PHE B 440 -13.20 10.00 -22.09
C PHE B 440 -12.52 9.36 -23.29
N VAL B 441 -13.09 9.54 -24.49
CA VAL B 441 -12.63 8.80 -25.66
C VAL B 441 -11.38 9.45 -26.25
N THR B 442 -11.52 10.67 -26.74
CA THR B 442 -10.38 11.49 -27.12
C THR B 442 -10.23 12.56 -26.06
N ASN B 443 -9.14 12.51 -25.30
CA ASN B 443 -8.98 13.34 -24.10
C ASN B 443 -8.62 14.79 -24.50
N VAL B 444 -9.63 15.51 -24.96
CA VAL B 444 -9.50 16.91 -25.31
C VAL B 444 -10.20 17.68 -24.21
N THR B 445 -9.43 18.21 -23.28
CA THR B 445 -9.99 19.04 -22.24
C THR B 445 -10.37 20.40 -22.80
N THR B 446 -11.57 20.86 -22.43
CA THR B 446 -12.15 22.08 -22.98
C THR B 446 -12.60 22.94 -21.82
N TYR B 447 -12.05 24.14 -21.72
CA TYR B 447 -12.34 25.04 -20.62
C TYR B 447 -13.29 26.13 -21.09
N TYR B 448 -14.32 26.38 -20.30
CA TYR B 448 -15.42 27.28 -20.68
C TYR B 448 -15.26 28.59 -19.92
N HIS B 449 -15.19 29.69 -20.66
CA HIS B 449 -15.07 31.02 -20.09
C HIS B 449 -16.34 31.80 -20.39
N TYR B 450 -16.94 32.36 -19.33
CA TYR B 450 -18.12 33.21 -19.44
C TYR B 450 -17.66 34.65 -19.34
N ASN B 451 -18.03 35.46 -20.34
CA ASN B 451 -17.53 36.84 -20.45
C ASN B 451 -18.37 37.78 -19.57
N ARG B 452 -18.06 37.76 -18.28
CA ARG B 452 -18.70 38.68 -17.34
C ARG B 452 -18.14 40.09 -17.49
N ASP B 453 -18.97 41.07 -17.12
CA ASP B 453 -18.76 42.51 -17.13
C ASP B 453 -18.47 43.09 -18.54
N ASN B 454 -18.85 42.40 -19.63
CA ASN B 454 -18.93 42.85 -21.03
C ASN B 454 -17.60 43.29 -21.61
N HIS B 455 -16.59 42.43 -21.60
CA HIS B 455 -15.33 42.79 -22.23
C HIS B 455 -15.23 42.22 -23.64
N THR B 456 -14.57 42.96 -24.52
CA THR B 456 -14.39 42.56 -25.91
C THR B 456 -13.08 41.80 -26.12
N SER B 457 -12.28 41.64 -25.07
CA SER B 457 -11.04 40.88 -25.15
C SER B 457 -10.76 40.29 -23.78
N LEU B 458 -10.15 39.10 -23.78
CA LEU B 458 -9.81 38.38 -22.57
C LEU B 458 -8.34 38.00 -22.63
N GLU B 459 -7.57 38.47 -21.64
CA GLU B 459 -6.17 38.11 -21.48
C GLU B 459 -6.11 36.66 -20.97
N LEU B 460 -5.28 35.85 -21.61
CA LEU B 460 -5.18 34.44 -21.22
C LEU B 460 -4.33 34.32 -19.97
N LYS B 461 -4.90 33.74 -18.92
CA LYS B 461 -4.19 33.54 -17.67
C LYS B 461 -3.22 32.37 -17.78
N THR B 462 -2.24 32.38 -16.90
CA THR B 462 -1.29 31.27 -16.81
C THR B 462 -1.96 30.07 -16.18
N LYS B 463 -1.56 28.88 -16.62
CA LYS B 463 -2.23 27.67 -16.18
C LYS B 463 -1.77 27.25 -14.79
N PHE B 464 -2.50 26.33 -14.19
CA PHE B 464 -2.18 25.85 -12.84
C PHE B 464 -0.99 24.92 -12.87
N GLY B 465 -0.75 24.25 -14.00
CA GLY B 465 0.38 23.33 -14.08
C GLY B 465 1.69 24.04 -14.25
N GLN B 466 1.68 25.21 -14.89
CA GLN B 466 2.91 25.99 -15.05
C GLN B 466 3.26 26.74 -13.77
N VAL B 467 2.28 26.98 -12.90
CA VAL B 467 2.57 27.58 -11.61
C VAL B 467 3.04 26.52 -10.62
N PHE B 468 2.37 25.37 -10.58
CA PHE B 468 2.57 24.39 -9.53
C PHE B 468 3.47 23.24 -9.96
N ASN B 469 4.50 23.54 -10.76
CA ASN B 469 5.48 22.53 -11.14
C ASN B 469 6.58 22.45 -10.10
N CYS B 470 7.65 21.73 -10.41
CA CYS B 470 8.77 21.61 -9.49
C CYS B 470 9.93 22.50 -9.93
N MET B 490 11.19 15.89 1.30
CA MET B 490 9.74 15.96 1.25
C MET B 490 9.11 15.09 2.32
N PHE B 491 8.43 15.73 3.27
CA PHE B 491 7.77 14.97 4.32
C PHE B 491 6.29 15.32 4.43
N TRP B 492 5.50 14.34 4.83
CA TRP B 492 4.05 14.42 4.84
C TRP B 492 3.55 14.56 6.28
N ARG B 493 2.74 15.58 6.54
CA ARG B 493 2.13 15.79 7.85
C ARG B 493 0.65 15.42 7.76
N ILE B 494 0.22 14.43 8.53
CA ILE B 494 -1.09 13.81 8.34
C ILE B 494 -1.91 14.01 9.61
N LYS B 495 -3.10 14.60 9.46
CA LYS B 495 -4.02 14.82 10.57
C LYS B 495 -5.29 14.04 10.36
N MET B 496 -5.59 13.11 11.27
CA MET B 496 -6.87 12.40 11.29
C MET B 496 -7.91 13.25 11.97
N ASP B 497 -9.01 13.51 11.26
CA ASP B 497 -10.05 14.39 11.74
C ASP B 497 -11.41 13.77 11.48
N THR B 498 -12.41 14.24 12.21
CA THR B 498 -13.80 13.84 11.99
C THR B 498 -14.75 15.01 12.23
C1 NAG C . 22.80 9.84 -4.40
C2 NAG C . 23.63 11.13 -4.17
C3 NAG C . 23.11 12.26 -5.11
C4 NAG C . 22.93 11.85 -6.59
C5 NAG C . 22.11 10.53 -6.65
C6 NAG C . 21.99 9.97 -8.05
C7 NAG C . 22.77 11.92 -1.90
C8 NAG C . 23.33 12.27 -0.54
N2 NAG C . 23.72 11.54 -2.79
O3 NAG C . 24.00 13.34 -5.00
O4 NAG C . 22.28 12.91 -7.24
O5 NAG C . 22.71 9.57 -5.79
O6 NAG C . 21.26 10.85 -8.87
O7 NAG C . 21.58 12.01 -2.11
C1 NAG D . 6.89 -9.63 23.32
C2 NAG D . 6.40 -11.02 23.75
C3 NAG D . 6.13 -11.90 22.50
C4 NAG D . 5.30 -11.25 21.39
C5 NAG D . 5.95 -9.90 21.03
C6 NAG D . 5.14 -9.10 20.04
C7 NAG D . 7.11 -12.35 25.77
C8 NAG D . 5.71 -12.44 26.30
N2 NAG D . 7.33 -11.69 24.61
O3 NAG D . 5.52 -13.08 22.96
O4 NAG D . 5.28 -12.13 20.29
O5 NAG D . 6.12 -9.13 22.21
O6 NAG D . 5.75 -7.85 19.81
O7 NAG D . 8.03 -12.87 26.40
C1 NAG E . 16.54 18.83 48.06
C2 NAG E . 16.61 20.38 47.87
C3 NAG E . 17.98 20.70 47.23
C4 NAG E . 19.19 20.17 48.02
C5 NAG E . 18.96 18.66 48.39
C6 NAG E . 19.98 18.12 49.37
C7 NAG E . 14.47 21.62 47.63
C8 NAG E . 13.42 22.07 46.65
N2 NAG E . 15.50 20.92 47.12
O3 NAG E . 18.06 22.09 47.02
O4 NAG E . 20.33 20.38 47.22
O5 NAG E . 17.62 18.45 48.91
O6 NAG E . 20.21 19.11 50.33
O7 NAG E . 14.36 21.91 48.82
C1 NAG F . -23.82 -0.92 8.26
C2 NAG F . -24.90 -0.05 8.98
C3 NAG F . -24.52 0.11 10.47
C4 NAG F . -24.15 -1.20 11.20
C5 NAG F . -23.10 -1.96 10.37
C6 NAG F . -22.78 -3.33 10.93
C7 NAG F . -24.38 2.28 8.07
C8 NAG F . -25.09 3.40 7.35
N2 NAG F . -25.18 1.21 8.32
O3 NAG F . -25.60 0.75 11.11
O4 NAG F . -23.67 -0.84 12.48
O5 NAG F . -23.57 -2.09 9.02
O6 NAG F . -22.16 -3.20 12.19
O7 NAG F . -23.20 2.40 8.37
C1 NAG G . -6.84 9.18 -23.50
C2 NAG G . -6.12 8.65 -24.76
C3 NAG G . -5.60 7.22 -24.53
C4 NAG G . -4.82 7.01 -23.23
C5 NAG G . -5.68 7.52 -22.05
C6 NAG G . -4.96 7.48 -20.73
C7 NAG G . -6.75 9.11 -27.18
C8 NAG G . -5.40 9.69 -27.49
N2 NAG G . -6.99 8.66 -25.92
O3 NAG G . -4.82 6.89 -25.65
O4 NAG G . -4.55 5.63 -23.11
O5 NAG G . -6.09 8.85 -22.33
O6 NAG G . -5.77 8.04 -19.73
O7 NAG G . -7.60 9.04 -28.05
C1 NAG H . -23.64 44.17 -20.65
C2 NAG H . -23.98 45.05 -19.41
C3 NAG H . -25.34 44.55 -18.85
C4 NAG H . -26.48 44.54 -19.88
C5 NAG H . -26.01 43.85 -21.20
C6 NAG H . -26.98 44.01 -22.35
C7 NAG H . -22.11 46.11 -18.17
C8 NAG H . -21.08 45.90 -17.09
N2 NAG H . -22.93 45.07 -18.41
O3 NAG H . -25.65 45.30 -17.71
O4 NAG H . -27.57 43.88 -19.27
O5 NAG H . -24.70 44.32 -21.60
O6 NAG H . -27.47 45.31 -22.31
O7 NAG H . -22.15 47.18 -18.78
#